data_6U9J
#
_entry.id   6U9J
#
_cell.length_a   50.566
_cell.length_b   50.566
_cell.length_c   208.969
_cell.angle_alpha   90.00
_cell.angle_beta   90.00
_cell.angle_gamma   120.00
#
_symmetry.space_group_name_H-M   'P 32'
#
loop_
_entity.id
_entity.type
_entity.pdbx_description
1 polymer 'Heme utilization carrier protein'
2 non-polymer 'PHOSPHATE ION'
3 non-polymer IMIDAZOLE
4 non-polymer 'SODIUM ION'
5 water water
#
_entity_poly.entity_id   1
_entity_poly.type   'polypeptide(L)'
_entity_poly.pdbx_seq_one_letter_code
;VSLQEFLKTEPDGTLEVVAEQYNTTLLEVVRNLPSSTVVPGDKFDTVWDTVCEWGNVTTLVHTADVILEFSGELPSGFHR
HGYFNLRGKHGMSGHIKAENCTHIALIERKFMGMDTASILFFNKEGSAMLKIFLGRDDHRQLLSEQVSAFHTLAASLKEH
;
_entity_poly.pdbx_strand_id   A,B,C,D
#
# COMPACT_ATOMS: atom_id res chain seq x y z
N VAL A 1 -11.37 25.12 -5.59
CA VAL A 1 -11.62 24.96 -4.15
C VAL A 1 -12.77 23.99 -3.92
N SER A 2 -13.82 24.09 -4.73
CA SER A 2 -14.99 23.24 -4.58
C SER A 2 -14.68 21.82 -5.05
N LEU A 3 -15.59 20.91 -4.71
CA LEU A 3 -15.33 19.49 -4.95
C LEU A 3 -15.25 19.18 -6.44
N GLN A 4 -16.21 19.67 -7.23
CA GLN A 4 -16.22 19.35 -8.65
C GLN A 4 -15.01 19.97 -9.35
N GLU A 5 -14.68 21.21 -9.00
CA GLU A 5 -13.48 21.83 -9.57
C GLU A 5 -12.23 21.05 -9.21
N PHE A 6 -12.14 20.60 -7.95
CA PHE A 6 -10.98 19.81 -7.54
C PHE A 6 -10.86 18.52 -8.34
N LEU A 7 -11.99 17.88 -8.67
CA LEU A 7 -11.93 16.60 -9.35
C LEU A 7 -11.65 16.72 -10.84
N LYS A 8 -11.81 17.90 -11.43
CA LYS A 8 -11.55 18.05 -12.86
C LYS A 8 -10.09 17.84 -13.23
N THR A 9 -9.20 17.50 -12.27
CA THR A 9 -7.78 17.40 -12.56
C THR A 9 -7.13 16.16 -11.95
N GLU A 10 -7.93 15.13 -11.64
CA GLU A 10 -7.49 13.78 -11.26
C GLU A 10 -6.71 13.77 -9.94
N PRO A 11 -7.32 13.30 -8.86
CA PRO A 11 -6.60 13.22 -7.58
C PRO A 11 -5.48 12.18 -7.65
N ASP A 12 -4.49 12.36 -6.77
CA ASP A 12 -3.27 11.56 -6.81
C ASP A 12 -3.41 10.21 -6.13
N GLY A 13 -4.57 9.86 -5.61
CA GLY A 13 -4.76 8.62 -4.87
C GLY A 13 -6.17 8.10 -4.97
N THR A 14 -6.65 7.48 -3.89
CA THR A 14 -7.97 6.88 -3.89
C THR A 14 -9.06 7.93 -3.74
N LEU A 15 -10.29 7.54 -4.10
CA LEU A 15 -11.43 8.45 -3.99
C LEU A 15 -11.95 8.58 -2.57
N GLU A 16 -11.71 7.59 -1.72
CA GLU A 16 -12.11 7.71 -0.32
C GLU A 16 -11.31 8.79 0.39
N VAL A 17 -10.01 8.93 0.05
CA VAL A 17 -9.20 10.00 0.62
C VAL A 17 -9.79 11.35 0.23
N VAL A 18 -10.30 11.48 -1.00
CA VAL A 18 -10.96 12.72 -1.41
C VAL A 18 -12.19 12.98 -0.55
N ALA A 19 -13.02 11.94 -0.35
CA ALA A 19 -14.17 12.10 0.53
C ALA A 19 -13.73 12.38 1.96
N GLU A 20 -12.71 11.67 2.43
CA GLU A 20 -12.10 12.00 3.73
C GLU A 20 -11.65 13.45 3.77
N GLN A 21 -10.86 13.86 2.77
CA GLN A 21 -10.32 15.21 2.75
C GLN A 21 -11.43 16.26 2.65
N TYR A 22 -12.57 15.90 2.08
CA TYR A 22 -13.68 16.82 1.89
C TYR A 22 -14.82 16.61 2.88
N ASN A 23 -14.67 15.67 3.82
CA ASN A 23 -15.69 15.41 4.84
C ASN A 23 -17.07 15.23 4.22
N THR A 24 -17.12 14.40 3.17
CA THR A 24 -18.38 14.06 2.51
C THR A 24 -18.37 12.56 2.21
N THR A 25 -19.35 12.10 1.45
CA THR A 25 -19.48 10.68 1.13
C THR A 25 -18.78 10.33 -0.16
N LEU A 26 -18.38 9.06 -0.27
CA LEU A 26 -17.79 8.57 -1.51
C LEU A 26 -18.74 8.74 -2.69
N LEU A 27 -20.04 8.55 -2.46
CA LEU A 27 -20.99 8.74 -3.56
C LEU A 27 -20.96 10.17 -4.09
N GLU A 28 -20.93 11.16 -3.19
CA GLU A 28 -20.90 12.54 -3.66
C GLU A 28 -19.62 12.83 -4.44
N VAL A 29 -18.50 12.25 -4.03
CA VAL A 29 -17.27 12.40 -4.80
C VAL A 29 -17.44 11.77 -6.18
N VAL A 30 -17.99 10.55 -6.23
CA VAL A 30 -18.11 9.86 -7.51
C VAL A 30 -19.01 10.63 -8.46
N ARG A 31 -20.08 11.23 -7.93
CA ARG A 31 -20.99 12.01 -8.78
C ARG A 31 -20.27 13.16 -9.47
N ASN A 32 -19.27 13.72 -8.81
CA ASN A 32 -18.56 14.90 -9.31
C ASN A 32 -17.33 14.57 -10.13
N LEU A 33 -17.07 13.28 -10.38
CA LEU A 33 -15.99 12.88 -11.25
C LEU A 33 -16.27 13.30 -12.69
N PRO A 34 -15.23 13.51 -13.50
CA PRO A 34 -15.47 13.82 -14.92
C PRO A 34 -16.05 12.66 -15.71
N SER A 35 -15.81 11.41 -15.30
CA SER A 35 -16.24 10.26 -16.09
C SER A 35 -16.90 9.23 -15.16
N SER A 36 -18.17 9.46 -14.83
CA SER A 36 -18.92 8.51 -14.02
C SER A 36 -20.38 8.48 -14.46
N THR A 37 -20.99 7.30 -14.34
CA THR A 37 -22.40 7.07 -14.56
C THR A 37 -22.98 6.49 -13.28
N VAL A 38 -23.99 7.16 -12.72
CA VAL A 38 -24.58 6.75 -11.44
C VAL A 38 -26.05 6.41 -11.68
N VAL A 39 -26.45 5.22 -11.24
CA VAL A 39 -27.85 4.79 -11.38
C VAL A 39 -28.37 4.32 -10.05
N PRO A 40 -29.69 4.20 -9.91
CA PRO A 40 -30.25 3.66 -8.67
C PRO A 40 -29.96 2.17 -8.52
N GLY A 41 -30.04 1.72 -7.27
CA GLY A 41 -29.78 0.33 -6.92
C GLY A 41 -30.75 -0.69 -7.54
N ASP A 42 -31.89 -0.25 -8.06
CA ASP A 42 -32.78 -1.20 -8.74
C ASP A 42 -32.19 -1.72 -10.05
N LYS A 43 -31.07 -1.17 -10.52
CA LYS A 43 -30.37 -1.71 -11.67
CA LYS A 43 -30.36 -1.71 -11.67
C LYS A 43 -29.42 -2.84 -11.28
N PHE A 44 -29.45 -3.28 -10.02
CA PHE A 44 -28.53 -4.32 -9.56
C PHE A 44 -28.53 -5.55 -10.47
N ASP A 45 -29.72 -6.13 -10.71
CA ASP A 45 -29.74 -7.36 -11.51
C ASP A 45 -29.18 -7.12 -12.90
N THR A 46 -29.55 -6.01 -13.54
CA THR A 46 -29.03 -5.71 -14.87
C THR A 46 -27.51 -5.62 -14.88
N VAL A 47 -26.94 -4.93 -13.89
CA VAL A 47 -25.49 -4.76 -13.82
C VAL A 47 -24.83 -6.09 -13.49
N TRP A 48 -25.33 -6.77 -12.46
CA TRP A 48 -24.70 -8.02 -12.04
C TRP A 48 -24.71 -9.04 -13.16
N ASP A 49 -25.88 -9.28 -13.76
CA ASP A 49 -26.00 -10.29 -14.80
C ASP A 49 -25.16 -9.96 -16.03
N THR A 50 -24.94 -8.66 -16.30
CA THR A 50 -24.11 -8.25 -17.43
C THR A 50 -22.64 -8.57 -17.17
N VAL A 51 -22.15 -8.25 -15.97
CA VAL A 51 -20.73 -8.48 -15.65
C VAL A 51 -20.42 -9.97 -15.64
N CYS A 52 -21.41 -10.80 -15.31
CA CYS A 52 -21.23 -12.25 -15.31
C CYS A 52 -20.80 -12.79 -16.67
N GLU A 53 -20.94 -12.00 -17.73
CA GLU A 53 -20.59 -12.45 -19.07
C GLU A 53 -19.22 -11.98 -19.53
N TRP A 54 -18.52 -11.17 -18.72
CA TRP A 54 -17.35 -10.44 -19.18
C TRP A 54 -16.05 -11.20 -19.06
N GLY A 55 -16.04 -12.38 -18.46
CA GLY A 55 -14.78 -13.06 -18.20
C GLY A 55 -14.16 -12.74 -16.85
N ASN A 56 -12.84 -12.79 -16.74
CA ASN A 56 -12.21 -12.62 -15.44
C ASN A 56 -12.24 -11.16 -15.01
N VAL A 57 -12.89 -10.90 -13.87
CA VAL A 57 -12.90 -9.59 -13.24
C VAL A 57 -12.38 -9.75 -11.81
N THR A 58 -12.15 -8.62 -11.14
CA THR A 58 -11.71 -8.63 -9.75
C THR A 58 -12.80 -8.02 -8.88
N THR A 59 -13.33 -8.82 -7.96
CA THR A 59 -14.33 -8.39 -7.00
C THR A 59 -13.64 -8.13 -5.66
N LEU A 60 -13.92 -6.98 -5.07
CA LEU A 60 -13.20 -6.52 -3.89
C LEU A 60 -14.18 -6.15 -2.78
N VAL A 61 -13.88 -6.57 -1.56
CA VAL A 61 -14.57 -6.06 -0.38
C VAL A 61 -13.54 -5.49 0.57
N HIS A 62 -13.88 -4.37 1.20
CA HIS A 62 -12.96 -3.54 1.98
C HIS A 62 -13.56 -3.34 3.36
N THR A 63 -12.91 -3.87 4.39
CA THR A 63 -13.28 -3.58 5.78
C THR A 63 -12.15 -2.77 6.42
N ALA A 64 -12.34 -2.46 7.70
CA ALA A 64 -11.33 -1.68 8.42
C ALA A 64 -9.99 -2.38 8.42
N ASP A 65 -9.99 -3.71 8.45
CA ASP A 65 -8.75 -4.43 8.66
C ASP A 65 -8.37 -5.41 7.56
N VAL A 66 -9.23 -5.64 6.57
CA VAL A 66 -8.95 -6.62 5.53
CA VAL A 66 -9.01 -6.65 5.55
C VAL A 66 -9.47 -6.08 4.21
N ILE A 67 -8.73 -6.41 3.15
CA ILE A 67 -9.21 -6.30 1.78
C ILE A 67 -9.04 -7.68 1.18
N LEU A 68 -10.13 -8.27 0.71
CA LEU A 68 -10.03 -9.51 -0.03
C LEU A 68 -10.47 -9.24 -1.45
N GLU A 69 -9.73 -9.79 -2.40
CA GLU A 69 -10.10 -9.61 -3.79
C GLU A 69 -10.08 -10.96 -4.47
N PHE A 70 -11.05 -11.16 -5.33
CA PHE A 70 -11.21 -12.43 -6.04
CA PHE A 70 -11.21 -12.43 -6.05
C PHE A 70 -11.15 -12.15 -7.54
N SER A 71 -10.20 -12.78 -8.22
CA SER A 71 -10.04 -12.66 -9.65
C SER A 71 -10.64 -13.90 -10.30
N GLY A 72 -11.61 -13.70 -11.18
CA GLY A 72 -12.27 -14.79 -11.86
C GLY A 72 -13.63 -14.34 -12.35
N GLU A 73 -14.37 -15.29 -12.91
CA GLU A 73 -15.68 -14.95 -13.43
C GLU A 73 -16.63 -14.63 -12.27
N LEU A 74 -17.46 -13.60 -12.45
CA LEU A 74 -18.43 -13.24 -11.44
C LEU A 74 -19.50 -14.33 -11.36
N PRO A 75 -19.76 -14.90 -10.18
CA PRO A 75 -20.81 -15.93 -10.08
C PRO A 75 -22.20 -15.34 -10.27
N SER A 76 -23.07 -16.12 -10.89
CA SER A 76 -24.48 -15.77 -10.93
C SER A 76 -25.08 -15.90 -9.53
N GLY A 77 -26.28 -15.34 -9.37
CA GLY A 77 -26.93 -15.43 -8.08
C GLY A 77 -28.44 -15.43 -8.22
N PHE A 78 -29.10 -15.65 -7.08
CA PHE A 78 -30.56 -15.64 -7.01
C PHE A 78 -30.99 -14.92 -5.75
N HIS A 79 -32.15 -14.27 -5.82
CA HIS A 79 -32.71 -13.55 -4.69
C HIS A 79 -33.58 -14.48 -3.85
N ARG A 80 -33.42 -14.42 -2.53
CA ARG A 80 -34.27 -15.19 -1.60
C ARG A 80 -34.26 -14.50 -0.24
N HIS A 81 -35.44 -14.11 0.24
CA HIS A 81 -35.60 -13.55 1.58
C HIS A 81 -34.70 -12.34 1.83
N GLY A 82 -34.56 -11.48 0.82
CA GLY A 82 -33.80 -10.27 0.95
C GLY A 82 -32.32 -10.39 0.64
N TYR A 83 -31.79 -11.60 0.51
CA TYR A 83 -30.39 -11.78 0.13
C TYR A 83 -30.29 -12.09 -1.36
N PHE A 84 -29.20 -11.61 -1.95
CA PHE A 84 -28.78 -12.10 -3.26
C PHE A 84 -27.69 -13.16 -3.01
N ASN A 85 -28.01 -14.41 -3.33
CA ASN A 85 -27.19 -15.55 -2.95
C ASN A 85 -26.39 -16.02 -4.15
N LEU A 86 -25.07 -15.99 -4.02
CA LEU A 86 -24.21 -16.34 -5.13
C LEU A 86 -24.15 -17.85 -5.31
N ARG A 87 -24.15 -18.28 -6.58
CA ARG A 87 -23.87 -19.68 -6.90
C ARG A 87 -22.37 -19.78 -7.22
N GLY A 88 -21.58 -19.84 -6.14
CA GLY A 88 -20.15 -19.83 -6.28
C GLY A 88 -19.65 -21.07 -6.98
N LYS A 89 -19.06 -20.91 -8.16
CA LYS A 89 -18.59 -22.02 -8.96
C LYS A 89 -17.10 -22.30 -8.74
N HIS A 90 -16.24 -21.34 -9.10
CA HIS A 90 -14.80 -21.54 -9.10
C HIS A 90 -14.13 -20.93 -7.86
N GLY A 91 -14.82 -20.88 -6.73
CA GLY A 91 -14.17 -20.37 -5.53
C GLY A 91 -14.95 -19.34 -4.74
N MET A 92 -15.33 -18.22 -5.35
CA MET A 92 -16.02 -17.16 -4.63
CA MET A 92 -16.03 -17.18 -4.63
C MET A 92 -17.52 -17.44 -4.63
N SER A 93 -18.12 -17.37 -3.44
CA SER A 93 -19.54 -17.39 -3.27
C SER A 93 -19.86 -16.40 -2.16
N GLY A 94 -21.07 -16.46 -1.64
CA GLY A 94 -21.49 -15.67 -0.52
C GLY A 94 -22.86 -15.07 -0.78
N HIS A 95 -23.15 -13.96 -0.09
CA HIS A 95 -24.44 -13.31 -0.22
C HIS A 95 -24.29 -11.81 -0.07
N ILE A 96 -25.18 -11.08 -0.75
CA ILE A 96 -25.19 -9.62 -0.75
CA ILE A 96 -25.18 -9.63 -0.74
C ILE A 96 -26.58 -9.16 -0.33
N LYS A 97 -26.64 -8.20 0.59
CA LYS A 97 -27.93 -7.58 0.92
C LYS A 97 -28.20 -6.56 -0.17
N ALA A 98 -28.64 -7.06 -1.33
CA ALA A 98 -28.75 -6.21 -2.51
C ALA A 98 -29.84 -5.15 -2.39
N GLU A 99 -30.86 -5.38 -1.57
CA GLU A 99 -31.82 -4.29 -1.38
C GLU A 99 -31.29 -3.16 -0.54
N ASN A 100 -30.14 -3.35 0.11
CA ASN A 100 -29.45 -2.25 0.76
C ASN A 100 -28.55 -1.49 -0.20
N CYS A 101 -28.46 -1.94 -1.46
CA CYS A 101 -27.72 -1.21 -2.48
C CYS A 101 -28.65 -0.14 -3.05
N THR A 102 -28.37 1.13 -2.75
CA THR A 102 -29.22 2.20 -3.24
C THR A 102 -28.70 2.90 -4.48
N HIS A 103 -27.40 2.77 -4.79
CA HIS A 103 -26.82 3.37 -5.98
C HIS A 103 -25.71 2.46 -6.50
N ILE A 104 -25.49 2.51 -7.81
CA ILE A 104 -24.40 1.84 -8.49
C ILE A 104 -23.72 2.85 -9.41
N ALA A 105 -22.40 2.85 -9.44
CA ALA A 105 -21.67 3.74 -10.34
C ALA A 105 -20.71 2.97 -11.21
N LEU A 106 -20.61 3.36 -12.48
CA LEU A 106 -19.53 2.92 -13.35
C LEU A 106 -18.56 4.08 -13.47
N ILE A 107 -17.28 3.81 -13.21
CA ILE A 107 -16.25 4.85 -13.12
C ILE A 107 -15.08 4.49 -14.01
N GLU A 108 -14.57 5.49 -14.73
CA GLU A 108 -13.28 5.40 -15.41
C GLU A 108 -12.40 6.53 -14.94
N ARG A 109 -11.18 6.21 -14.53
CA ARG A 109 -10.24 7.26 -14.13
C ARG A 109 -8.84 6.70 -14.16
N LYS A 110 -7.86 7.58 -13.98
CA LYS A 110 -6.51 7.11 -13.74
C LYS A 110 -6.22 7.02 -12.25
N PHE A 111 -5.60 5.91 -11.85
CA PHE A 111 -5.17 5.70 -10.47
C PHE A 111 -3.66 5.52 -10.51
N MET A 112 -2.94 6.53 -10.04
CA MET A 112 -1.48 6.52 -10.10
C MET A 112 -0.99 6.20 -11.52
N GLY A 113 -1.61 6.85 -12.50
CA GLY A 113 -1.20 6.72 -13.89
C GLY A 113 -1.75 5.51 -14.60
N MET A 114 -2.51 4.67 -13.91
CA MET A 114 -3.06 3.44 -14.48
C MET A 114 -4.51 3.71 -14.90
N ASP A 115 -4.85 3.45 -16.15
CA ASP A 115 -6.26 3.43 -16.54
C ASP A 115 -6.99 2.38 -15.71
N THR A 116 -8.15 2.74 -15.17
CA THR A 116 -8.98 1.83 -14.38
CA THR A 116 -8.97 1.80 -14.41
C THR A 116 -10.43 1.97 -14.79
N ALA A 117 -11.20 0.89 -14.62
CA ALA A 117 -12.62 0.91 -14.91
C ALA A 117 -13.27 0.06 -13.83
N SER A 118 -14.20 0.66 -13.10
CA SER A 118 -14.73 0.00 -11.92
C SER A 118 -16.24 0.18 -11.83
N ILE A 119 -16.86 -0.75 -11.09
CA ILE A 119 -18.27 -0.66 -10.70
C ILE A 119 -18.31 -0.61 -9.18
N LEU A 120 -18.95 0.41 -8.63
CA LEU A 120 -19.08 0.59 -7.20
C LEU A 120 -20.54 0.41 -6.81
N PHE A 121 -20.78 -0.40 -5.79
CA PHE A 121 -22.10 -0.59 -5.23
C PHE A 121 -22.15 0.16 -3.91
N PHE A 122 -23.14 1.05 -3.77
CA PHE A 122 -23.23 1.93 -2.60
C PHE A 122 -24.37 1.53 -1.68
N ASN A 123 -24.15 1.71 -0.37
CA ASN A 123 -25.20 1.56 0.62
C ASN A 123 -25.90 2.91 0.82
N LYS A 124 -26.88 2.94 1.71
CA LYS A 124 -27.67 4.16 1.90
C LYS A 124 -26.90 5.28 2.57
N GLU A 125 -25.74 5.00 3.17
CA GLU A 125 -24.89 6.04 3.72
C GLU A 125 -23.97 6.65 2.68
N GLY A 126 -24.03 6.15 1.44
CA GLY A 126 -23.16 6.68 0.40
C GLY A 126 -21.75 6.13 0.40
N SER A 127 -21.48 5.05 1.11
CA SER A 127 -20.18 4.40 1.06
C SER A 127 -20.30 3.10 0.28
N ALA A 128 -19.15 2.51 -0.04
CA ALA A 128 -19.12 1.34 -0.90
C ALA A 128 -19.37 0.08 -0.11
N MET A 129 -20.25 -0.79 -0.61
CA MET A 129 -20.39 -2.12 -0.06
C MET A 129 -19.67 -3.18 -0.87
N LEU A 130 -19.29 -2.88 -2.11
CA LEU A 130 -18.64 -3.87 -2.95
C LEU A 130 -18.07 -3.12 -4.14
N LYS A 131 -16.95 -3.61 -4.68
CA LYS A 131 -16.36 -3.05 -5.89
C LYS A 131 -16.02 -4.17 -6.86
N ILE A 132 -16.21 -3.92 -8.15
CA ILE A 132 -15.72 -4.82 -9.19
C ILE A 132 -14.82 -4.01 -10.11
N PHE A 133 -13.63 -4.53 -10.38
CA PHE A 133 -12.65 -3.89 -11.27
C PHE A 133 -12.44 -4.74 -12.51
N LEU A 134 -12.25 -4.10 -13.66
CA LEU A 134 -11.99 -4.86 -14.87
C LEU A 134 -10.65 -5.57 -14.80
N GLY A 135 -10.54 -6.69 -15.52
CA GLY A 135 -9.33 -7.49 -15.53
C GLY A 135 -8.21 -6.90 -16.37
N ARG A 136 -7.03 -7.49 -16.23
CA ARG A 136 -5.83 -6.97 -16.87
C ARG A 136 -5.05 -8.11 -17.52
N ASP A 137 -4.13 -7.73 -18.41
CA ASP A 137 -3.24 -8.68 -19.05
C ASP A 137 -1.93 -8.73 -18.28
N ASP A 138 -0.97 -9.51 -18.81
CA ASP A 138 0.30 -9.68 -18.13
C ASP A 138 1.14 -8.41 -18.09
N HIS A 139 0.90 -7.46 -18.99
CA HIS A 139 1.55 -6.16 -18.94
C HIS A 139 0.79 -5.16 -18.08
N ARG A 140 -0.20 -5.63 -17.30
CA ARG A 140 -0.99 -4.80 -16.39
CA ARG A 140 -1.00 -4.80 -16.39
C ARG A 140 -1.80 -3.73 -17.12
N GLN A 141 -2.15 -4.01 -18.37
CA GLN A 141 -3.06 -3.19 -19.14
C GLN A 141 -4.46 -3.79 -19.08
N LEU A 142 -5.45 -2.92 -19.14
CA LEU A 142 -6.83 -3.40 -19.17
C LEU A 142 -7.06 -4.27 -20.40
N LEU A 143 -8.02 -5.20 -20.28
CA LEU A 143 -8.43 -6.01 -21.43
C LEU A 143 -9.44 -5.20 -22.23
N SER A 144 -9.08 -4.83 -23.46
CA SER A 144 -9.90 -3.90 -24.23
CA SER A 144 -9.90 -3.88 -24.21
C SER A 144 -11.27 -4.46 -24.55
N GLU A 145 -11.36 -5.79 -24.71
CA GLU A 145 -12.67 -6.41 -24.93
C GLU A 145 -13.61 -6.15 -23.75
N GLN A 146 -13.08 -6.22 -22.53
CA GLN A 146 -13.88 -5.90 -21.34
CA GLN A 146 -13.89 -5.91 -21.35
C GLN A 146 -14.21 -4.41 -21.29
N VAL A 147 -13.24 -3.56 -21.62
CA VAL A 147 -13.51 -2.12 -21.63
C VAL A 147 -14.63 -1.80 -22.61
N SER A 148 -14.63 -2.44 -23.79
CA SER A 148 -15.72 -2.21 -24.73
C SER A 148 -17.07 -2.63 -24.15
N ALA A 149 -17.11 -3.81 -23.51
CA ALA A 149 -18.37 -4.27 -22.91
C ALA A 149 -18.81 -3.35 -21.77
N PHE A 150 -17.85 -2.86 -20.97
CA PHE A 150 -18.14 -1.90 -19.92
C PHE A 150 -18.77 -0.63 -20.51
N HIS A 151 -18.19 -0.11 -21.61
CA HIS A 151 -18.77 1.06 -22.25
C HIS A 151 -20.17 0.80 -22.79
N THR A 152 -20.40 -0.40 -23.31
CA THR A 152 -21.75 -0.75 -23.76
C THR A 152 -22.75 -0.73 -22.61
N LEU A 153 -22.36 -1.24 -21.45
CA LEU A 153 -23.26 -1.23 -20.30
C LEU A 153 -23.52 0.20 -19.84
N ALA A 154 -22.47 1.03 -19.78
CA ALA A 154 -22.67 2.40 -19.34
C ALA A 154 -23.64 3.14 -20.27
N ALA A 155 -23.52 2.91 -21.58
CA ALA A 155 -24.43 3.56 -22.52
C ALA A 155 -25.85 3.08 -22.33
N SER A 156 -26.02 1.78 -22.08
CA SER A 156 -27.35 1.25 -21.86
C SER A 156 -27.93 1.73 -20.55
N LEU A 157 -27.11 1.90 -19.51
CA LEU A 157 -27.65 2.43 -18.26
C LEU A 157 -28.12 3.86 -18.43
N LYS A 158 -27.59 4.57 -19.43
CA LYS A 158 -28.05 5.93 -19.69
C LYS A 158 -29.30 5.98 -20.57
N GLU A 159 -29.92 4.85 -20.93
CA GLU A 159 -31.21 4.94 -21.61
C GLU A 159 -32.28 5.46 -20.65
N HIS A 160 -32.40 4.84 -19.48
CA HIS A 160 -33.35 5.28 -18.46
C HIS A 160 -32.64 6.00 -17.34
N VAL B 1 17.96 32.21 -30.90
CA VAL B 1 19.03 31.57 -30.14
C VAL B 1 18.68 30.07 -30.00
N SER B 2 17.45 29.76 -29.59
CA SER B 2 16.84 28.43 -29.65
C SER B 2 17.56 27.35 -28.83
N LEU B 3 16.77 26.41 -28.31
CA LEU B 3 17.26 25.46 -27.31
C LEU B 3 18.27 24.49 -27.91
N GLN B 4 17.98 23.94 -29.09
CA GLN B 4 18.86 22.92 -29.65
C GLN B 4 20.21 23.50 -30.03
N GLU B 5 20.23 24.70 -30.59
CA GLU B 5 21.50 25.36 -30.89
C GLU B 5 22.27 25.65 -29.61
N PHE B 6 21.57 26.02 -28.54
CA PHE B 6 22.24 26.29 -27.27
C PHE B 6 22.88 25.04 -26.70
N LEU B 7 22.20 23.89 -26.76
CA LEU B 7 22.73 22.66 -26.17
C LEU B 7 23.84 22.04 -27.00
N LYS B 8 23.89 22.33 -28.30
CA LYS B 8 24.98 21.87 -29.15
C LYS B 8 26.36 22.30 -28.64
N THR B 9 26.40 23.24 -27.69
CA THR B 9 27.64 23.79 -27.15
C THR B 9 28.05 23.20 -25.80
N GLU B 10 27.09 22.52 -25.10
CA GLU B 10 27.25 21.87 -23.80
CA GLU B 10 27.23 21.88 -23.81
C GLU B 10 27.17 22.91 -22.68
N PRO B 11 26.13 22.85 -21.84
CA PRO B 11 25.92 23.90 -20.85
C PRO B 11 26.79 23.76 -19.61
N ASP B 12 27.12 24.90 -19.02
CA ASP B 12 27.74 24.93 -17.71
C ASP B 12 26.68 24.67 -16.64
N GLY B 13 26.79 23.55 -15.94
CA GLY B 13 25.87 23.25 -14.86
C GLY B 13 24.83 22.22 -15.23
N THR B 14 23.77 22.19 -14.43
CA THR B 14 22.77 21.14 -14.56
C THR B 14 21.81 21.44 -15.71
N LEU B 15 21.04 20.42 -16.10
CA LEU B 15 20.06 20.61 -17.17
C LEU B 15 18.78 21.28 -16.69
N GLU B 16 18.57 21.35 -15.38
CA GLU B 16 17.37 21.99 -14.86
C GLU B 16 17.41 23.51 -15.04
N VAL B 17 18.58 24.14 -15.01
CA VAL B 17 18.64 25.58 -15.25
C VAL B 17 18.28 25.89 -16.70
N VAL B 18 18.67 25.02 -17.64
CA VAL B 18 18.37 25.25 -19.04
C VAL B 18 16.86 25.28 -19.28
N ALA B 19 16.11 24.41 -18.58
CA ALA B 19 14.69 24.27 -18.87
C ALA B 19 13.92 25.56 -18.60
N GLU B 20 14.19 26.20 -17.48
CA GLU B 20 13.59 27.50 -17.15
C GLU B 20 13.79 28.49 -18.28
N GLN B 21 15.06 28.91 -18.42
CA GLN B 21 15.56 29.87 -19.41
C GLN B 21 14.84 29.80 -20.75
N TYR B 22 14.37 28.61 -21.13
CA TYR B 22 13.65 28.43 -22.38
C TYR B 22 12.16 28.16 -22.19
N ASN B 23 11.65 28.35 -20.97
CA ASN B 23 10.22 28.23 -20.66
C ASN B 23 9.69 26.87 -21.08
N THR B 24 10.37 25.82 -20.65
CA THR B 24 10.02 24.48 -21.06
C THR B 24 10.40 23.51 -19.94
N THR B 25 10.31 22.22 -20.23
CA THR B 25 10.48 21.16 -19.25
C THR B 25 11.87 20.54 -19.34
N LEU B 26 12.25 19.84 -18.27
CA LEU B 26 13.49 19.07 -18.31
C LEU B 26 13.47 18.06 -19.45
N LEU B 27 12.32 17.43 -19.70
CA LEU B 27 12.26 16.48 -20.81
C LEU B 27 12.55 17.16 -22.14
N GLU B 28 11.99 18.33 -22.38
CA GLU B 28 12.25 19.03 -23.64
C GLU B 28 13.73 19.36 -23.79
N VAL B 29 14.40 19.72 -22.70
CA VAL B 29 15.84 19.96 -22.77
C VAL B 29 16.58 18.68 -23.11
N VAL B 30 16.23 17.57 -22.45
CA VAL B 30 16.99 16.35 -22.70
CA VAL B 30 16.93 16.31 -22.68
C VAL B 30 16.76 15.84 -24.11
N ARG B 31 15.56 16.06 -24.68
CA ARG B 31 15.32 15.67 -26.07
C ARG B 31 16.28 16.38 -27.03
N ASN B 32 16.64 17.62 -26.72
CA ASN B 32 17.47 18.44 -27.59
C ASN B 32 18.95 18.33 -27.27
N LEU B 33 19.33 17.42 -26.39
CA LEU B 33 20.74 17.17 -26.13
C LEU B 33 21.40 16.50 -27.33
N PRO B 34 22.71 16.67 -27.50
CA PRO B 34 23.40 15.95 -28.57
C PRO B 34 23.40 14.44 -28.40
N SER B 35 23.46 13.94 -27.15
CA SER B 35 23.62 12.51 -26.89
C SER B 35 22.57 12.08 -25.87
N SER B 36 21.34 11.83 -26.33
CA SER B 36 20.29 11.31 -25.49
C SER B 36 19.40 10.34 -26.26
N THR B 37 18.87 9.36 -25.55
CA THR B 37 17.91 8.38 -26.07
C THR B 37 16.68 8.47 -25.18
N VAL B 38 15.52 8.75 -25.77
CA VAL B 38 14.27 8.93 -25.02
C VAL B 38 13.28 7.87 -25.46
N VAL B 39 12.72 7.13 -24.50
CA VAL B 39 11.75 6.09 -24.81
C VAL B 39 10.51 6.29 -23.91
N PRO B 40 9.39 5.68 -24.29
CA PRO B 40 8.21 5.75 -23.42
C PRO B 40 8.42 5.00 -22.11
N GLY B 41 7.60 5.38 -21.14
CA GLY B 41 7.67 4.78 -19.82
C GLY B 41 7.30 3.31 -19.76
N ASP B 42 6.67 2.76 -20.79
CA ASP B 42 6.42 1.31 -20.77
C ASP B 42 7.71 0.48 -20.90
N LYS B 43 8.85 1.11 -21.12
CA LYS B 43 10.13 0.43 -21.07
C LYS B 43 10.68 0.33 -19.66
N PHE B 44 9.91 0.74 -18.66
CA PHE B 44 10.39 0.75 -17.28
C PHE B 44 11.00 -0.59 -16.86
N ASP B 45 10.25 -1.69 -17.02
CA ASP B 45 10.76 -2.97 -16.56
C ASP B 45 12.03 -3.36 -17.28
N THR B 46 12.08 -3.12 -18.59
CA THR B 46 13.30 -3.44 -19.35
C THR B 46 14.50 -2.66 -18.82
N VAL B 47 14.32 -1.37 -18.58
CA VAL B 47 15.42 -0.54 -18.10
C VAL B 47 15.80 -0.94 -16.68
N TRP B 48 14.79 -1.01 -15.79
CA TRP B 48 15.06 -1.33 -14.39
C TRP B 48 15.78 -2.67 -14.25
N ASP B 49 15.23 -3.71 -14.87
CA ASP B 49 15.81 -5.05 -14.72
C ASP B 49 17.21 -5.13 -15.30
N THR B 50 17.51 -4.32 -16.33
CA THR B 50 18.85 -4.30 -16.91
C THR B 50 19.85 -3.67 -15.96
N VAL B 51 19.51 -2.52 -15.36
CA VAL B 51 20.41 -1.82 -14.46
C VAL B 51 20.71 -2.65 -13.21
N CYS B 52 19.75 -3.50 -12.81
CA CYS B 52 19.95 -4.38 -11.66
C CYS B 52 21.13 -5.32 -11.83
N GLU B 53 21.65 -5.49 -13.04
CA GLU B 53 22.76 -6.39 -13.28
C GLU B 53 24.10 -5.68 -13.36
N TRP B 54 24.13 -4.35 -13.26
CA TRP B 54 25.32 -3.58 -13.61
C TRP B 54 26.31 -3.41 -12.47
N GLY B 55 25.98 -3.82 -11.25
CA GLY B 55 26.86 -3.54 -10.13
C GLY B 55 26.50 -2.27 -9.39
N ASN B 56 27.47 -1.60 -8.79
CA ASN B 56 27.16 -0.44 -7.95
C ASN B 56 26.83 0.77 -8.81
N VAL B 57 25.62 1.29 -8.64
CA VAL B 57 25.18 2.53 -9.27
C VAL B 57 24.72 3.48 -8.18
N THR B 58 24.45 4.73 -8.55
CA THR B 58 23.94 5.72 -7.62
C THR B 58 22.52 6.11 -8.01
N THR B 59 21.57 5.84 -7.13
CA THR B 59 20.18 6.22 -7.32
C THR B 59 19.90 7.48 -6.53
N LEU B 60 19.28 8.46 -7.16
CA LEU B 60 19.11 9.78 -6.60
C LEU B 60 17.65 10.22 -6.66
N VAL B 61 17.16 10.79 -5.56
CA VAL B 61 15.86 11.46 -5.57
C VAL B 61 16.08 12.88 -5.05
N HIS B 62 15.38 13.84 -5.67
CA HIS B 62 15.65 15.27 -5.51
C HIS B 62 14.32 15.95 -5.18
N THR B 63 14.18 16.45 -3.95
CA THR B 63 13.03 17.26 -3.56
C THR B 63 13.49 18.70 -3.37
N ALA B 64 12.54 19.56 -3.00
CA ALA B 64 12.86 20.97 -2.80
C ALA B 64 13.93 21.14 -1.74
N ASP B 65 13.98 20.26 -0.74
CA ASP B 65 14.85 20.49 0.39
C ASP B 65 15.86 19.39 0.66
N VAL B 66 15.79 18.25 -0.03
CA VAL B 66 16.73 17.18 0.24
CA VAL B 66 16.65 17.11 0.25
C VAL B 66 17.08 16.50 -1.07
N ILE B 67 18.33 16.04 -1.14
CA ILE B 67 18.78 15.09 -2.14
C ILE B 67 19.32 13.91 -1.37
N LEU B 68 18.77 12.73 -1.62
CA LEU B 68 19.32 11.52 -1.07
C LEU B 68 19.87 10.69 -2.20
N GLU B 69 21.05 10.13 -2.01
CA GLU B 69 21.62 9.30 -3.04
C GLU B 69 22.07 8.00 -2.40
N PHE B 70 21.85 6.90 -3.09
CA PHE B 70 22.19 5.59 -2.58
CA PHE B 70 22.19 5.58 -2.58
C PHE B 70 23.14 4.92 -3.56
N SER B 71 24.33 4.57 -3.09
CA SER B 71 25.31 3.91 -3.92
C SER B 71 25.29 2.42 -3.59
N GLY B 72 25.03 1.60 -4.60
CA GLY B 72 24.98 0.17 -4.43
C GLY B 72 24.21 -0.46 -5.57
N GLU B 73 24.02 -1.76 -5.46
CA GLU B 73 23.29 -2.48 -6.49
C GLU B 73 21.81 -2.07 -6.47
N LEU B 74 21.25 -1.87 -7.65
CA LEU B 74 19.84 -1.50 -7.74
C LEU B 74 18.98 -2.69 -7.30
N PRO B 75 18.06 -2.50 -6.33
CA PRO B 75 17.22 -3.62 -5.91
C PRO B 75 16.21 -3.98 -6.99
N SER B 76 15.93 -5.28 -7.12
CA SER B 76 14.83 -5.74 -7.94
C SER B 76 13.49 -5.33 -7.32
N GLY B 77 12.43 -5.40 -8.11
CA GLY B 77 11.14 -5.05 -7.59
C GLY B 77 10.02 -5.83 -8.25
N PHE B 78 8.81 -5.64 -7.73
CA PHE B 78 7.63 -6.30 -8.26
C PHE B 78 6.47 -5.30 -8.27
N HIS B 79 5.58 -5.45 -9.25
CA HIS B 79 4.42 -4.57 -9.38
C HIS B 79 3.24 -5.14 -8.60
N ARG B 80 2.55 -4.25 -7.89
CA ARG B 80 1.34 -4.64 -7.13
C ARG B 80 0.50 -3.39 -6.91
N HIS B 81 -0.74 -3.40 -7.42
CA HIS B 81 -1.71 -2.32 -7.17
C HIS B 81 -1.19 -0.95 -7.60
N GLY B 82 -0.48 -0.91 -8.71
CA GLY B 82 0.02 0.34 -9.24
C GLY B 82 1.39 0.75 -8.74
N TYR B 83 1.89 0.14 -7.67
CA TYR B 83 3.23 0.45 -7.19
C TYR B 83 4.24 -0.55 -7.75
N PHE B 84 5.45 -0.07 -7.98
CA PHE B 84 6.61 -0.94 -8.16
C PHE B 84 7.36 -1.00 -6.82
N ASN B 85 7.34 -2.16 -6.19
CA ASN B 85 7.80 -2.31 -4.81
C ASN B 85 9.19 -2.92 -4.81
N LEU B 86 10.15 -2.22 -4.24
CA LEU B 86 11.52 -2.69 -4.25
C LEU B 86 11.73 -3.73 -3.17
N ARG B 87 12.55 -4.73 -3.49
CA ARG B 87 12.95 -5.74 -2.51
C ARG B 87 14.21 -5.29 -1.79
N GLY B 88 14.25 -5.51 -0.48
CA GLY B 88 15.35 -5.04 0.34
C GLY B 88 16.72 -5.58 -0.03
N LYS B 89 17.55 -4.73 -0.64
CA LYS B 89 18.91 -5.09 -1.02
C LYS B 89 19.85 -4.03 -0.46
N HIS B 90 20.80 -4.46 0.37
CA HIS B 90 21.68 -3.57 1.12
C HIS B 90 20.78 -2.60 1.89
N GLY B 91 20.97 -1.29 1.76
CA GLY B 91 20.17 -0.36 2.54
C GLY B 91 18.86 0.03 1.89
N MET B 92 18.80 0.06 0.56
CA MET B 92 17.75 0.79 -0.14
C MET B 92 16.55 -0.08 -0.46
N SER B 93 15.36 0.46 -0.18
CA SER B 93 14.12 -0.11 -0.65
C SER B 93 13.16 1.04 -0.89
N GLY B 94 11.89 0.72 -1.07
CA GLY B 94 10.84 1.71 -1.21
C GLY B 94 9.88 1.29 -2.32
N HIS B 95 9.18 2.28 -2.88
CA HIS B 95 8.30 1.98 -4.00
CA HIS B 95 8.23 2.02 -3.95
C HIS B 95 8.21 3.20 -4.91
N ILE B 96 7.88 2.91 -6.17
CA ILE B 96 7.81 3.89 -7.25
C ILE B 96 6.46 3.77 -7.90
N LYS B 97 5.79 4.90 -8.14
CA LYS B 97 4.56 4.88 -8.95
C LYS B 97 4.98 4.80 -10.41
N ALA B 98 5.36 3.60 -10.83
CA ALA B 98 5.97 3.40 -12.13
C ALA B 98 5.00 3.69 -13.28
N GLU B 99 3.70 3.51 -13.07
CA GLU B 99 2.79 3.89 -14.14
C GLU B 99 2.65 5.39 -14.31
N ASN B 100 3.19 6.18 -13.37
CA ASN B 100 3.29 7.61 -13.55
C ASN B 100 4.56 8.00 -14.31
N CYS B 101 5.41 7.03 -14.64
CA CYS B 101 6.60 7.28 -15.45
C CYS B 101 6.19 7.20 -16.91
N THR B 102 6.18 8.34 -17.59
CA THR B 102 5.75 8.38 -18.98
C THR B 102 6.91 8.39 -19.99
N HIS B 103 8.12 8.74 -19.55
CA HIS B 103 9.31 8.75 -20.41
C HIS B 103 10.52 8.37 -19.58
N ILE B 104 11.50 7.76 -20.25
CA ILE B 104 12.80 7.43 -19.68
C ILE B 104 13.86 7.89 -20.65
N ALA B 105 14.93 8.50 -20.15
CA ALA B 105 16.02 8.93 -21.03
C ALA B 105 17.35 8.37 -20.55
N LEU B 106 18.18 7.95 -21.50
CA LEU B 106 19.59 7.66 -21.23
C LEU B 106 20.40 8.82 -21.77
N ILE B 107 21.25 9.40 -20.93
CA ILE B 107 21.97 10.62 -21.25
C ILE B 107 23.46 10.44 -21.03
N GLU B 108 24.28 10.95 -21.95
CA GLU B 108 25.72 11.09 -21.74
C GLU B 108 26.08 12.54 -21.99
N ARG B 109 26.81 13.14 -21.04
CA ARG B 109 27.26 14.51 -21.24
C ARG B 109 28.40 14.80 -20.28
N LYS B 110 29.03 15.95 -20.50
CA LYS B 110 29.98 16.47 -19.54
C LYS B 110 29.25 17.34 -18.51
N PHE B 111 29.57 17.13 -17.23
CA PHE B 111 29.07 17.97 -16.15
C PHE B 111 30.29 18.54 -15.44
N MET B 112 30.53 19.83 -15.63
CA MET B 112 31.72 20.49 -15.09
C MET B 112 32.99 19.71 -15.45
N GLY B 113 33.06 19.27 -16.70
CA GLY B 113 34.23 18.60 -17.21
C GLY B 113 34.30 17.12 -16.91
N MET B 114 33.32 16.58 -16.19
CA MET B 114 33.27 15.17 -15.81
C MET B 114 32.36 14.43 -16.80
N ASP B 115 32.89 13.38 -17.43
CA ASP B 115 32.01 12.47 -18.17
C ASP B 115 30.96 11.91 -17.21
N THR B 116 29.69 11.93 -17.65
CA THR B 116 28.59 11.37 -16.87
C THR B 116 27.68 10.53 -17.76
N ALA B 117 27.03 9.55 -17.15
CA ALA B 117 26.08 8.71 -17.87
C ALA B 117 24.93 8.46 -16.92
N SER B 118 23.72 8.81 -17.33
CA SER B 118 22.61 8.77 -16.40
C SER B 118 21.34 8.26 -17.07
N ILE B 119 20.43 7.78 -16.22
CA ILE B 119 19.09 7.38 -16.62
C ILE B 119 18.11 8.26 -15.85
N LEU B 120 17.25 8.97 -16.57
CA LEU B 120 16.26 9.85 -15.96
C LEU B 120 14.88 9.26 -16.20
N PHE B 121 14.09 9.19 -15.14
CA PHE B 121 12.70 8.76 -15.21
C PHE B 121 11.83 10.00 -15.09
N PHE B 122 10.92 10.20 -16.05
CA PHE B 122 10.11 11.40 -16.10
C PHE B 122 8.65 11.13 -15.75
N ASN B 123 8.03 12.11 -15.08
CA ASN B 123 6.59 12.06 -14.86
C ASN B 123 5.87 12.78 -16.01
N LYS B 124 4.54 12.84 -15.91
CA LYS B 124 3.76 13.40 -17.01
C LYS B 124 3.94 14.89 -17.18
N GLU B 125 4.49 15.60 -16.18
CA GLU B 125 4.78 17.02 -16.37
C GLU B 125 6.14 17.25 -17.03
N GLY B 126 6.87 16.18 -17.34
CA GLY B 126 8.17 16.35 -17.96
C GLY B 126 9.30 16.63 -17.01
N SER B 127 9.11 16.48 -15.71
CA SER B 127 10.17 16.62 -14.74
C SER B 127 10.62 15.25 -14.25
N ALA B 128 11.75 15.23 -13.55
CA ALA B 128 12.35 13.97 -13.14
C ALA B 128 11.69 13.47 -11.85
N MET B 129 11.36 12.18 -11.83
CA MET B 129 10.95 11.55 -10.59
C MET B 129 12.05 10.70 -9.96
N LEU B 130 13.09 10.35 -10.70
CA LEU B 130 14.16 9.53 -10.17
C LEU B 130 15.31 9.61 -11.15
N LYS B 131 16.54 9.51 -10.64
CA LYS B 131 17.73 9.47 -11.49
C LYS B 131 18.63 8.34 -11.04
N ILE B 132 19.26 7.66 -12.00
CA ILE B 132 20.31 6.70 -11.73
C ILE B 132 21.56 7.13 -12.47
N PHE B 133 22.69 7.20 -11.76
CA PHE B 133 23.98 7.58 -12.34
C PHE B 133 24.94 6.41 -12.29
N LEU B 134 25.77 6.28 -13.32
CA LEU B 134 26.73 5.18 -13.33
C LEU B 134 27.77 5.38 -12.24
N GLY B 135 28.34 4.26 -11.78
CA GLY B 135 29.33 4.29 -10.71
C GLY B 135 30.70 4.76 -11.17
N ARG B 136 31.57 5.01 -10.18
CA ARG B 136 32.89 5.56 -10.44
C ARG B 136 33.93 4.79 -9.63
N ASP B 137 35.19 4.95 -10.04
CA ASP B 137 36.30 4.32 -9.35
C ASP B 137 36.92 5.30 -8.36
N ASP B 138 37.98 4.83 -7.67
CA ASP B 138 38.60 5.64 -6.63
C ASP B 138 39.11 6.98 -7.17
N HIS B 139 39.43 7.04 -8.46
CA HIS B 139 39.92 8.27 -9.08
C HIS B 139 38.80 9.07 -9.74
N ARG B 140 37.54 8.78 -9.41
CA ARG B 140 36.36 9.53 -9.86
C ARG B 140 36.12 9.42 -11.35
N GLN B 141 36.62 8.36 -11.98
CA GLN B 141 36.35 8.06 -13.37
C GLN B 141 35.22 7.05 -13.44
N LEU B 142 34.43 7.12 -14.51
CA LEU B 142 33.39 6.13 -14.71
C LEU B 142 33.99 4.73 -14.83
N LEU B 143 33.19 3.73 -14.45
CA LEU B 143 33.56 2.33 -14.63
C LEU B 143 33.25 1.94 -16.06
N SER B 144 34.30 1.67 -16.86
CA SER B 144 34.10 1.44 -18.29
CA SER B 144 34.09 1.46 -18.28
C SER B 144 33.23 0.23 -18.57
N GLU B 145 33.29 -0.80 -17.71
CA GLU B 145 32.42 -1.95 -17.90
CA GLU B 145 32.42 -1.94 -17.91
C GLU B 145 30.95 -1.55 -17.80
N GLN B 146 30.62 -0.63 -16.89
CA GLN B 146 29.25 -0.13 -16.80
CA GLN B 146 29.25 -0.15 -16.80
C GLN B 146 28.90 0.73 -18.00
N VAL B 147 29.84 1.57 -18.45
CA VAL B 147 29.58 2.40 -19.62
C VAL B 147 29.28 1.51 -20.84
N SER B 148 30.03 0.43 -20.99
CA SER B 148 29.73 -0.49 -22.09
C SER B 148 28.32 -1.07 -21.98
N ALA B 149 27.93 -1.50 -20.78
CA ALA B 149 26.59 -2.07 -20.60
C ALA B 149 25.52 -1.02 -20.85
N PHE B 150 25.77 0.21 -20.41
CA PHE B 150 24.88 1.33 -20.67
C PHE B 150 24.70 1.55 -22.17
N HIS B 151 25.81 1.53 -22.93
CA HIS B 151 25.71 1.67 -24.38
C HIS B 151 24.94 0.53 -25.02
N THR B 152 25.11 -0.70 -24.50
CA THR B 152 24.34 -1.82 -25.02
C THR B 152 22.84 -1.62 -24.79
N LEU B 153 22.47 -1.12 -23.62
CA LEU B 153 21.05 -0.86 -23.35
C LEU B 153 20.52 0.23 -24.27
N ALA B 154 21.27 1.31 -24.46
CA ALA B 154 20.80 2.38 -25.33
C ALA B 154 20.58 1.87 -26.76
N ALA B 155 21.50 1.04 -27.25
CA ALA B 155 21.34 0.48 -28.60
C ALA B 155 20.07 -0.36 -28.69
N SER B 156 19.80 -1.18 -27.67
CA SER B 156 18.64 -2.06 -27.71
C SER B 156 17.34 -1.27 -27.63
N LEU B 157 17.33 -0.18 -26.89
CA LEU B 157 16.14 0.68 -26.84
C LEU B 157 15.90 1.35 -28.19
N LYS B 158 16.98 1.75 -28.88
CA LYS B 158 16.82 2.34 -30.21
C LYS B 158 16.33 1.32 -31.23
N GLU B 159 16.74 0.07 -31.08
CA GLU B 159 16.31 -0.99 -32.00
C GLU B 159 14.90 -1.44 -31.68
N VAL C 1 -29.27 -17.16 33.59
CA VAL C 1 -28.09 -17.99 33.45
C VAL C 1 -26.90 -17.15 33.01
N SER C 2 -25.74 -17.40 33.61
CA SER C 2 -24.53 -16.70 33.22
C SER C 2 -24.04 -17.22 31.87
N LEU C 3 -23.12 -16.47 31.27
CA LEU C 3 -22.71 -16.76 29.90
C LEU C 3 -22.09 -18.14 29.79
N GLN C 4 -21.26 -18.54 30.76
CA GLN C 4 -20.50 -19.77 30.61
C GLN C 4 -21.40 -21.01 30.70
N GLU C 5 -22.35 -21.03 31.65
CA GLU C 5 -23.29 -22.14 31.71
C GLU C 5 -24.31 -22.09 30.59
N PHE C 6 -24.62 -20.89 30.07
CA PHE C 6 -25.44 -20.81 28.86
C PHE C 6 -24.76 -21.49 27.68
N LEU C 7 -23.47 -21.19 27.45
CA LEU C 7 -22.70 -21.84 26.40
C LEU C 7 -22.16 -23.15 26.95
N LYS C 8 -22.96 -24.19 26.81
CA LYS C 8 -22.73 -25.46 27.47
C LYS C 8 -23.89 -26.34 27.07
N THR C 9 -25.00 -25.69 26.74
CA THR C 9 -25.99 -26.27 25.86
C THR C 9 -25.35 -26.39 24.48
N GLU C 10 -25.61 -25.40 23.64
CA GLU C 10 -25.23 -25.22 22.24
C GLU C 10 -26.25 -24.24 21.68
N PRO C 11 -25.87 -23.00 21.41
CA PRO C 11 -26.85 -22.02 20.94
C PRO C 11 -27.45 -22.43 19.61
N ASP C 12 -28.75 -22.17 19.45
CA ASP C 12 -29.49 -22.56 18.25
C ASP C 12 -29.03 -21.81 16.99
N GLY C 13 -27.93 -21.05 17.03
CA GLY C 13 -27.48 -20.31 15.87
C GLY C 13 -26.05 -19.80 15.98
N THR C 14 -25.83 -18.56 15.58
CA THR C 14 -24.49 -18.02 15.52
C THR C 14 -24.05 -17.46 16.87
N LEU C 15 -22.73 -17.34 17.05
CA LEU C 15 -22.17 -16.83 18.30
C LEU C 15 -22.28 -15.31 18.43
N GLU C 16 -22.55 -14.60 17.33
CA GLU C 16 -22.55 -13.14 17.39
C GLU C 16 -23.72 -12.57 18.19
N VAL C 17 -24.87 -13.25 18.19
CA VAL C 17 -26.01 -12.69 18.89
C VAL C 17 -25.99 -13.10 20.37
N VAL C 18 -25.33 -14.21 20.70
CA VAL C 18 -25.04 -14.51 22.10
C VAL C 18 -24.26 -13.36 22.71
N ALA C 19 -23.31 -12.79 21.97
CA ALA C 19 -22.49 -11.71 22.49
C ALA C 19 -23.34 -10.49 22.84
N GLU C 20 -24.24 -10.12 21.93
CA GLU C 20 -25.19 -9.03 22.20
C GLU C 20 -25.88 -9.25 23.53
N GLN C 21 -26.62 -10.36 23.62
CA GLN C 21 -27.52 -10.69 24.71
C GLN C 21 -26.85 -10.67 26.07
N TYR C 22 -25.50 -10.69 26.12
CA TYR C 22 -24.79 -10.63 27.38
C TYR C 22 -23.96 -9.36 27.53
N ASN C 23 -24.20 -8.35 26.70
CA ASN C 23 -23.43 -7.10 26.71
C ASN C 23 -21.93 -7.41 26.75
N THR C 24 -21.47 -8.08 25.71
CA THR C 24 -20.07 -8.49 25.66
C THR C 24 -19.69 -8.70 24.19
N THR C 25 -18.44 -9.10 23.99
CA THR C 25 -17.86 -9.23 22.66
C THR C 25 -17.95 -10.67 22.17
N LEU C 26 -17.81 -10.83 20.85
CA LEU C 26 -17.67 -12.18 20.30
C LEU C 26 -16.51 -12.92 20.94
N LEU C 27 -15.39 -12.23 21.20
CA LEU C 27 -14.26 -12.90 21.84
C LEU C 27 -14.66 -13.45 23.21
N GLU C 28 -15.35 -12.66 24.03
CA GLU C 28 -15.74 -13.13 25.35
C GLU C 28 -16.66 -14.36 25.26
N VAL C 29 -17.57 -14.38 24.28
CA VAL C 29 -18.38 -15.58 24.07
C VAL C 29 -17.51 -16.76 23.70
N VAL C 30 -16.56 -16.55 22.79
CA VAL C 30 -15.71 -17.66 22.33
C VAL C 30 -14.90 -18.23 23.49
N ARG C 31 -14.36 -17.36 24.35
CA ARG C 31 -13.61 -17.82 25.51
C ARG C 31 -14.43 -18.75 26.38
N ASN C 32 -15.73 -18.50 26.49
CA ASN C 32 -16.59 -19.27 27.37
C ASN C 32 -17.21 -20.50 26.72
N LEU C 33 -16.85 -20.78 25.47
CA LEU C 33 -17.31 -21.98 24.79
C LEU C 33 -16.72 -23.23 25.44
N PRO C 34 -17.40 -24.38 25.33
CA PRO C 34 -16.82 -25.62 25.83
C PRO C 34 -15.56 -26.06 25.12
N SER C 35 -15.42 -25.79 23.81
CA SER C 35 -14.31 -26.33 23.02
C SER C 35 -13.71 -25.19 22.20
N SER C 36 -12.85 -24.39 22.82
CA SER C 36 -12.15 -23.33 22.12
C SER C 36 -10.74 -23.16 22.67
N THR C 37 -9.84 -22.75 21.77
CA THR C 37 -8.45 -22.43 22.11
C THR C 37 -8.21 -21.00 21.64
N VAL C 38 -7.81 -20.13 22.56
CA VAL C 38 -7.61 -18.71 22.26
C VAL C 38 -6.14 -18.36 22.51
N VAL C 39 -5.50 -17.76 21.50
CA VAL C 39 -4.09 -17.37 21.62
C VAL C 39 -3.93 -15.92 21.20
N PRO C 40 -2.82 -15.28 21.58
CA PRO C 40 -2.58 -13.91 21.12
C PRO C 40 -2.35 -13.84 19.62
N GLY C 41 -2.56 -12.63 19.10
CA GLY C 41 -2.39 -12.38 17.68
C GLY C 41 -0.96 -12.53 17.16
N ASP C 42 0.05 -12.57 18.04
CA ASP C 42 1.40 -12.84 17.57
C ASP C 42 1.60 -14.27 17.06
N LYS C 43 0.58 -15.12 17.18
CA LYS C 43 0.63 -16.44 16.56
C LYS C 43 0.11 -16.42 15.12
N PHE C 44 -0.16 -15.23 14.57
CA PHE C 44 -0.72 -15.13 13.22
C PHE C 44 0.08 -15.93 12.20
N ASP C 45 1.40 -15.69 12.12
CA ASP C 45 2.19 -16.39 11.11
C ASP C 45 2.13 -17.89 11.27
N THR C 46 2.21 -18.37 12.51
CA THR C 46 2.16 -19.81 12.77
C THR C 46 0.85 -20.40 12.29
N VAL C 47 -0.26 -19.73 12.62
CA VAL C 47 -1.59 -20.22 12.23
C VAL C 47 -1.75 -20.13 10.72
N TRP C 48 -1.45 -18.96 10.14
CA TRP C 48 -1.65 -18.76 8.71
C TRP C 48 -0.84 -19.78 7.90
N ASP C 49 0.46 -19.88 8.19
CA ASP C 49 1.33 -20.77 7.42
C ASP C 49 0.94 -22.23 7.57
N THR C 50 0.34 -22.60 8.71
CA THR C 50 -0.11 -23.97 8.91
C THR C 50 -1.34 -24.28 8.05
N VAL C 51 -2.32 -23.38 8.03
CA VAL C 51 -3.55 -23.60 7.27
C VAL C 51 -3.26 -23.67 5.78
N CYS C 52 -2.21 -22.96 5.34
CA CYS C 52 -1.81 -22.97 3.93
C CYS C 52 -1.48 -24.37 3.43
N GLU C 53 -1.24 -25.33 4.32
CA GLU C 53 -0.91 -26.68 3.92
C GLU C 53 -2.10 -27.64 3.93
N TRP C 54 -3.28 -27.17 4.34
CA TRP C 54 -4.38 -28.09 4.66
C TRP C 54 -5.24 -28.46 3.46
N GLY C 55 -5.03 -27.86 2.30
CA GLY C 55 -5.94 -28.10 1.19
C GLY C 55 -7.05 -27.08 1.11
N ASN C 56 -8.21 -27.47 0.57
CA ASN C 56 -9.27 -26.50 0.34
C ASN C 56 -9.97 -26.16 1.65
N VAL C 57 -9.95 -24.88 2.00
CA VAL C 57 -10.67 -24.33 3.14
C VAL C 57 -11.56 -23.20 2.62
N THR C 58 -12.42 -22.70 3.50
CA THR C 58 -13.29 -21.57 3.18
C THR C 58 -12.92 -20.36 4.03
N THR C 59 -12.49 -19.28 3.36
CA THR C 59 -12.15 -18.02 4.01
C THR C 59 -13.32 -17.06 3.83
N LEU C 60 -13.73 -16.42 4.92
CA LEU C 60 -14.96 -15.65 4.95
C LEU C 60 -14.70 -14.25 5.53
N VAL C 61 -15.26 -13.23 4.88
CA VAL C 61 -15.30 -11.86 5.40
CA VAL C 61 -15.30 -11.87 5.44
C VAL C 61 -16.76 -11.43 5.53
N HIS C 62 -17.09 -10.82 6.66
CA HIS C 62 -18.44 -10.38 7.02
C HIS C 62 -18.44 -8.87 7.16
N THR C 63 -19.25 -8.18 6.34
CA THR C 63 -19.53 -6.77 6.55
C THR C 63 -21.02 -6.61 6.81
N ALA C 64 -21.44 -5.35 7.00
CA ALA C 64 -22.86 -5.09 7.28
C ALA C 64 -23.74 -5.60 6.14
N ASP C 65 -23.25 -5.56 4.91
CA ASP C 65 -24.11 -5.83 3.77
C ASP C 65 -23.64 -6.96 2.86
N VAL C 66 -22.47 -7.55 3.10
CA VAL C 66 -21.88 -8.53 2.21
C VAL C 66 -21.23 -9.62 3.05
N ILE C 67 -21.40 -10.87 2.62
CA ILE C 67 -20.52 -11.97 3.01
C ILE C 67 -19.90 -12.50 1.75
N LEU C 68 -18.58 -12.51 1.70
CA LEU C 68 -17.88 -13.17 0.61
C LEU C 68 -17.13 -14.34 1.19
N GLU C 69 -17.20 -15.47 0.52
CA GLU C 69 -16.47 -16.64 0.98
C GLU C 69 -15.73 -17.23 -0.19
N PHE C 70 -14.51 -17.68 0.07
CA PHE C 70 -13.65 -18.22 -0.97
CA PHE C 70 -13.66 -18.23 -0.96
C PHE C 70 -13.25 -19.63 -0.56
N SER C 71 -13.59 -20.60 -1.40
CA SER C 71 -13.23 -21.99 -1.18
C SER C 71 -12.00 -22.32 -2.02
N GLY C 72 -10.95 -22.76 -1.37
CA GLY C 72 -9.72 -23.11 -2.05
C GLY C 72 -8.56 -23.07 -1.08
N GLU C 73 -7.37 -23.29 -1.62
CA GLU C 73 -6.18 -23.27 -0.79
C GLU C 73 -5.90 -21.86 -0.30
N LEU C 74 -5.52 -21.75 0.97
CA LEU C 74 -5.21 -20.44 1.54
C LEU C 74 -3.93 -19.90 0.90
N PRO C 75 -3.93 -18.69 0.34
CA PRO C 75 -2.70 -18.15 -0.24
C PRO C 75 -1.69 -17.84 0.84
N SER C 76 -0.41 -18.06 0.51
CA SER C 76 0.68 -17.57 1.34
C SER C 76 0.74 -16.05 1.27
N GLY C 77 1.49 -15.45 2.20
CA GLY C 77 1.62 -14.01 2.20
C GLY C 77 2.94 -13.56 2.77
N PHE C 78 3.17 -12.25 2.68
CA PHE C 78 4.39 -11.63 3.21
C PHE C 78 4.02 -10.31 3.88
N HIS C 79 4.78 -9.96 4.92
CA HIS C 79 4.56 -8.72 5.65
C HIS C 79 5.36 -7.59 5.02
N ARG C 80 4.72 -6.43 4.87
CA ARG C 80 5.41 -5.23 4.35
C ARG C 80 4.65 -4.01 4.84
N HIS C 81 5.34 -3.15 5.61
CA HIS C 81 4.79 -1.86 6.06
C HIS C 81 3.46 -2.01 6.79
N GLY C 82 3.39 -3.01 7.66
CA GLY C 82 2.21 -3.24 8.46
C GLY C 82 1.16 -4.13 7.83
N TYR C 83 1.20 -4.34 6.51
CA TYR C 83 0.23 -5.19 5.85
C TYR C 83 0.76 -6.61 5.72
N PHE C 84 -0.13 -7.58 5.81
CA PHE C 84 0.16 -8.94 5.36
C PHE C 84 -0.45 -9.10 3.98
N ASN C 85 0.41 -9.25 2.98
CA ASN C 85 0.03 -9.18 1.58
C ASN C 85 -0.06 -10.58 1.00
N LEU C 86 -1.24 -10.96 0.54
CA LEU C 86 -1.44 -12.29 0.02
C LEU C 86 -0.88 -12.42 -1.39
N ARG C 87 -0.31 -13.59 -1.69
CA ARG C 87 0.15 -13.90 -3.03
C ARG C 87 -0.97 -14.60 -3.79
N GLY C 88 -1.23 -14.14 -5.01
CA GLY C 88 -2.36 -14.63 -5.78
C GLY C 88 -2.34 -16.12 -6.07
N LYS C 89 -3.21 -16.87 -5.40
CA LYS C 89 -3.32 -18.31 -5.61
C LYS C 89 -4.75 -18.62 -6.07
N HIS C 90 -4.86 -19.21 -7.25
CA HIS C 90 -6.08 -19.51 -7.99
C HIS C 90 -7.31 -18.71 -7.58
N GLY C 91 -7.20 -17.38 -7.53
CA GLY C 91 -8.38 -16.56 -7.34
C GLY C 91 -8.31 -15.50 -6.26
N MET C 92 -8.11 -15.91 -5.01
CA MET C 92 -8.17 -15.01 -3.88
CA MET C 92 -8.18 -15.00 -3.87
C MET C 92 -6.81 -14.38 -3.60
N SER C 93 -6.83 -13.07 -3.35
CA SER C 93 -5.67 -12.36 -2.88
C SER C 93 -6.17 -11.22 -2.00
N GLY C 94 -5.27 -10.30 -1.68
CA GLY C 94 -5.62 -9.11 -0.93
C GLY C 94 -4.61 -8.83 0.17
N HIS C 95 -5.04 -8.12 1.21
CA HIS C 95 -4.16 -7.80 2.33
C HIS C 95 -4.94 -7.81 3.62
N ILE C 96 -4.21 -8.05 4.71
CA ILE C 96 -4.76 -8.09 6.07
C ILE C 96 -3.89 -7.19 6.94
N LYS C 97 -4.53 -6.33 7.74
CA LYS C 97 -3.80 -5.57 8.75
C LYS C 97 -3.53 -6.50 9.93
N ALA C 98 -2.55 -7.38 9.75
CA ALA C 98 -2.35 -8.46 10.70
C ALA C 98 -1.87 -7.97 12.06
N GLU C 99 -1.21 -6.81 12.14
CA GLU C 99 -0.86 -6.32 13.47
C GLU C 99 -2.07 -5.80 14.23
N ASN C 100 -3.22 -5.64 13.56
CA ASN C 100 -4.45 -5.31 14.25
C ASN C 100 -5.17 -6.57 14.73
N CYS C 101 -4.62 -7.75 14.43
CA CYS C 101 -5.14 -9.01 14.97
C CYS C 101 -4.54 -9.21 16.36
N THR C 102 -5.37 -9.09 17.39
CA THR C 102 -4.88 -9.24 18.75
C THR C 102 -5.15 -10.60 19.36
N HIS C 103 -6.11 -11.37 18.81
CA HIS C 103 -6.39 -12.72 19.29
C HIS C 103 -6.79 -13.58 18.12
N ILE C 104 -6.54 -14.89 18.25
CA ILE C 104 -6.96 -15.91 17.30
C ILE C 104 -7.59 -17.04 18.10
N ALA C 105 -8.70 -17.59 17.59
CA ALA C 105 -9.32 -18.71 18.27
C ALA C 105 -9.54 -19.87 17.31
N LEU C 106 -9.31 -21.09 17.79
CA LEU C 106 -9.73 -22.29 17.10
C LEU C 106 -10.97 -22.82 17.81
N ILE C 107 -12.05 -23.04 17.07
CA ILE C 107 -13.34 -23.37 17.65
C ILE C 107 -13.90 -24.64 17.01
N GLU C 108 -14.47 -25.51 17.83
CA GLU C 108 -15.24 -26.66 17.36
CA GLU C 108 -15.25 -26.64 17.33
C GLU C 108 -16.60 -26.61 18.02
N ARG C 109 -17.66 -26.68 17.24
CA ARG C 109 -19.00 -26.68 17.82
C ARG C 109 -19.99 -27.20 16.80
N LYS C 110 -21.21 -27.44 17.28
CA LYS C 110 -22.31 -27.75 16.38
C LYS C 110 -23.00 -26.45 15.96
N PHE C 111 -23.28 -26.33 14.66
CA PHE C 111 -24.05 -25.22 14.13
C PHE C 111 -25.26 -25.82 13.43
N MET C 112 -26.43 -25.68 14.04
CA MET C 112 -27.66 -26.29 13.53
C MET C 112 -27.44 -27.77 13.20
N GLY C 113 -26.80 -28.48 14.14
CA GLY C 113 -26.60 -29.90 14.01
C GLY C 113 -25.41 -30.31 13.18
N MET C 114 -24.70 -29.35 12.59
CA MET C 114 -23.55 -29.61 11.73
C MET C 114 -22.28 -29.44 12.53
N ASP C 115 -21.44 -30.47 12.60
CA ASP C 115 -20.09 -30.30 13.12
C ASP C 115 -19.37 -29.22 12.33
N THR C 116 -18.73 -28.28 13.03
CA THR C 116 -17.95 -27.21 12.41
C THR C 116 -16.62 -27.05 13.11
N ALA C 117 -15.63 -26.59 12.35
CA ALA C 117 -14.31 -26.31 12.90
C ALA C 117 -13.83 -25.04 12.23
N SER C 118 -13.50 -24.03 13.03
CA SER C 118 -13.21 -22.72 12.47
C SER C 118 -12.05 -22.05 13.18
N ILE C 119 -11.45 -21.09 12.48
CA ILE C 119 -10.42 -20.21 13.02
C ILE C 119 -10.94 -18.79 12.91
N LEU C 120 -10.99 -18.08 14.03
CA LEU C 120 -11.47 -16.71 14.07
C LEU C 120 -10.30 -15.80 14.37
N PHE C 121 -10.16 -14.73 13.58
CA PHE C 121 -9.16 -13.70 13.82
C PHE C 121 -9.87 -12.48 14.38
N PHE C 122 -9.40 -12.00 15.53
CA PHE C 122 -10.08 -10.92 16.24
C PHE C 122 -9.30 -9.61 16.18
N ASN C 123 -10.04 -8.50 16.11
CA ASN C 123 -9.44 -7.18 16.25
C ASN C 123 -9.45 -6.75 17.72
N LYS C 124 -8.94 -5.54 17.98
CA LYS C 124 -8.82 -5.09 19.36
C LYS C 124 -10.16 -4.82 20.03
N GLU C 125 -11.25 -4.73 19.27
CA GLU C 125 -12.58 -4.57 19.87
C GLU C 125 -13.21 -5.90 20.23
N GLY C 126 -12.51 -7.02 20.01
CA GLY C 126 -13.09 -8.33 20.29
C GLY C 126 -14.05 -8.85 19.25
N SER C 127 -14.10 -8.22 18.08
CA SER C 127 -14.92 -8.66 16.97
C SER C 127 -14.07 -9.39 15.94
N ALA C 128 -14.73 -10.11 15.05
CA ALA C 128 -14.04 -10.90 14.04
C ALA C 128 -13.64 -10.02 12.86
N MET C 129 -12.38 -10.14 12.43
CA MET C 129 -11.95 -9.52 11.19
C MET C 129 -11.85 -10.49 10.04
N LEU C 130 -11.81 -11.80 10.31
CA LEU C 130 -11.68 -12.81 9.27
C LEU C 130 -12.04 -14.14 9.90
N LYS C 131 -12.61 -15.05 9.10
CA LYS C 131 -12.87 -16.40 9.55
C LYS C 131 -12.39 -17.40 8.51
N ILE C 132 -11.87 -18.53 8.96
CA ILE C 132 -11.56 -19.67 8.09
C ILE C 132 -12.30 -20.88 8.61
N PHE C 133 -13.01 -21.57 7.71
CA PHE C 133 -13.76 -22.77 8.05
C PHE C 133 -13.17 -23.97 7.33
N LEU C 134 -13.17 -25.13 7.99
CA LEU C 134 -12.66 -26.33 7.33
CA LEU C 134 -12.66 -26.33 7.33
C LEU C 134 -13.55 -26.75 6.17
N GLY C 135 -12.94 -27.42 5.19
CA GLY C 135 -13.67 -27.87 4.01
C GLY C 135 -14.56 -29.08 4.27
N ARG C 136 -15.40 -29.37 3.28
CA ARG C 136 -16.38 -30.44 3.41
C ARG C 136 -16.37 -31.29 2.15
N ASP C 137 -16.99 -32.46 2.25
CA ASP C 137 -17.09 -33.38 1.12
C ASP C 137 -18.46 -33.22 0.46
N ASP C 138 -18.78 -34.12 -0.45
CA ASP C 138 -20.01 -33.99 -1.22
C ASP C 138 -21.26 -34.20 -0.37
N HIS C 139 -21.16 -34.97 0.72
CA HIS C 139 -22.27 -35.14 1.63
C HIS C 139 -22.26 -34.13 2.77
N ARG C 140 -21.50 -33.02 2.61
CA ARG C 140 -21.47 -31.90 3.55
C ARG C 140 -20.89 -32.28 4.90
N GLN C 141 -20.08 -33.31 4.96
CA GLN C 141 -19.33 -33.69 6.15
C GLN C 141 -17.94 -33.09 6.08
N LEU C 142 -17.39 -32.78 7.25
CA LEU C 142 -16.02 -32.29 7.31
C LEU C 142 -15.05 -33.32 6.74
N LEU C 143 -13.93 -32.82 6.21
CA LEU C 143 -12.83 -33.66 5.75
C LEU C 143 -12.02 -34.07 6.98
N SER C 144 -12.03 -35.36 7.32
CA SER C 144 -11.41 -35.80 8.57
CA SER C 144 -11.42 -35.77 8.58
C SER C 144 -9.91 -35.55 8.59
N GLU C 145 -9.26 -35.60 7.43
CA GLU C 145 -7.83 -35.31 7.41
CA GLU C 145 -7.83 -35.32 7.42
C GLU C 145 -7.55 -33.87 7.81
N GLN C 146 -8.43 -32.94 7.40
CA GLN C 146 -8.29 -31.55 7.84
CA GLN C 146 -8.29 -31.55 7.84
C GLN C 146 -8.59 -31.42 9.32
N VAL C 147 -9.61 -32.13 9.81
CA VAL C 147 -9.93 -32.07 11.23
C VAL C 147 -8.74 -32.55 12.05
N SER C 148 -8.08 -33.62 11.62
CA SER C 148 -6.91 -34.09 12.33
C SER C 148 -5.80 -33.04 12.36
N ALA C 149 -5.54 -32.39 11.23
CA ALA C 149 -4.51 -31.35 11.18
C ALA C 149 -4.90 -30.15 12.05
N PHE C 150 -6.19 -29.81 12.05
CA PHE C 150 -6.70 -28.76 12.93
C PHE C 150 -6.45 -29.10 14.38
N HIS C 151 -6.72 -30.35 14.78
CA HIS C 151 -6.45 -30.76 16.16
C HIS C 151 -4.96 -30.71 16.50
N THR C 152 -4.09 -31.06 15.54
CA THR C 152 -2.66 -30.95 15.77
C THR C 152 -2.24 -29.50 16.01
N LEU C 153 -2.81 -28.57 15.25
CA LEU C 153 -2.47 -27.17 15.45
C LEU C 153 -2.96 -26.67 16.80
N ALA C 154 -4.19 -27.04 17.18
CA ALA C 154 -4.69 -26.61 18.47
C ALA C 154 -3.82 -27.11 19.61
N ALA C 155 -3.36 -28.37 19.52
CA ALA C 155 -2.49 -28.91 20.56
C ALA C 155 -1.17 -28.15 20.63
N SER C 156 -0.60 -27.82 19.47
CA SER C 156 0.69 -27.13 19.46
CA SER C 156 0.68 -27.12 19.43
C SER C 156 0.57 -25.72 20.01
N LEU C 157 -0.57 -25.05 19.80
CA LEU C 157 -0.76 -23.69 20.29
C LEU C 157 -0.92 -23.66 21.80
N LYS C 158 -1.70 -24.59 22.35
CA LYS C 158 -2.34 -24.39 23.63
C LYS C 158 -3.20 -25.60 23.96
N GLU C 159 -4.51 -25.48 23.71
CA GLU C 159 -5.56 -26.51 23.68
C GLU C 159 -6.74 -26.08 24.56
N VAL D 1 -16.32 16.69 15.23
CA VAL D 1 -15.32 16.60 16.28
C VAL D 1 -14.04 17.30 15.85
N SER D 2 -13.43 18.06 16.77
CA SER D 2 -12.26 18.85 16.46
C SER D 2 -11.00 17.98 16.42
N LEU D 3 -9.91 18.59 15.95
CA LEU D 3 -8.70 17.82 15.65
C LEU D 3 -8.11 17.20 16.90
N GLN D 4 -7.97 17.98 17.98
CA GLN D 4 -7.34 17.46 19.19
C GLN D 4 -8.17 16.33 19.79
N GLU D 5 -9.51 16.46 19.76
CA GLU D 5 -10.35 15.38 20.24
C GLU D 5 -10.31 14.19 19.29
N PHE D 6 -10.27 14.46 17.99
CA PHE D 6 -10.23 13.39 17.00
C PHE D 6 -8.99 12.52 17.18
N LEU D 7 -7.84 13.12 17.50
CA LEU D 7 -6.61 12.35 17.65
C LEU D 7 -6.48 11.71 19.03
N LYS D 8 -7.35 12.05 19.98
CA LYS D 8 -7.34 11.37 21.27
C LYS D 8 -7.56 9.87 21.09
N THR D 9 -8.22 9.47 20.01
CA THR D 9 -8.25 8.09 19.58
C THR D 9 -7.36 7.93 18.36
N GLU D 10 -6.74 6.75 18.24
CA GLU D 10 -5.70 6.52 17.24
C GLU D 10 -6.30 6.51 15.83
N PRO D 11 -5.88 7.40 14.94
CA PRO D 11 -6.44 7.39 13.58
C PRO D 11 -5.97 6.17 12.80
N ASP D 12 -6.83 5.72 11.89
CA ASP D 12 -6.48 4.63 11.00
C ASP D 12 -5.63 5.16 9.86
N GLY D 13 -4.42 4.64 9.72
CA GLY D 13 -3.58 5.01 8.62
C GLY D 13 -2.66 6.18 8.93
N THR D 14 -2.27 6.91 7.89
CA THR D 14 -1.23 7.90 8.02
C THR D 14 -1.77 9.22 8.57
N LEU D 15 -0.85 10.04 9.10
CA LEU D 15 -1.22 11.35 9.62
C LEU D 15 -1.46 12.37 8.52
N GLU D 16 -1.12 12.05 7.27
CA GLU D 16 -1.25 13.02 6.19
C GLU D 16 -2.69 13.27 5.77
N VAL D 17 -3.56 12.26 5.84
CA VAL D 17 -4.94 12.52 5.43
C VAL D 17 -5.70 13.30 6.52
N VAL D 18 -5.32 13.12 7.79
CA VAL D 18 -5.94 13.89 8.86
C VAL D 18 -5.73 15.39 8.63
N ALA D 19 -4.57 15.76 8.08
CA ALA D 19 -4.23 17.18 7.95
C ALA D 19 -5.21 17.92 7.04
N GLU D 20 -5.38 17.43 5.81
CA GLU D 20 -6.28 18.13 4.89
C GLU D 20 -7.71 18.09 5.39
N GLN D 21 -8.14 16.92 5.87
CA GLN D 21 -9.49 16.75 6.40
C GLN D 21 -9.86 17.83 7.41
N TYR D 22 -8.86 18.36 8.12
CA TYR D 22 -9.07 19.46 9.05
C TYR D 22 -8.55 20.79 8.53
N ASN D 23 -8.25 20.87 7.24
CA ASN D 23 -7.84 22.12 6.60
C ASN D 23 -6.58 22.69 7.24
N THR D 24 -5.58 21.83 7.45
CA THR D 24 -4.40 22.24 8.18
C THR D 24 -3.19 21.43 7.68
N THR D 25 -2.08 21.55 8.38
CA THR D 25 -0.80 20.98 7.99
C THR D 25 -0.50 19.72 8.78
N LEU D 26 0.47 18.94 8.25
CA LEU D 26 0.95 17.79 9.02
C LEU D 26 1.50 18.23 10.37
N LEU D 27 2.20 19.37 10.44
CA LEU D 27 2.72 19.83 11.72
C LEU D 27 1.59 20.05 12.73
N GLU D 28 0.51 20.72 12.31
CA GLU D 28 -0.58 20.97 13.25
C GLU D 28 -1.21 19.67 13.73
N VAL D 29 -1.34 18.67 12.85
CA VAL D 29 -1.79 17.35 13.29
C VAL D 29 -0.84 16.78 14.33
N VAL D 30 0.47 16.85 14.05
CA VAL D 30 1.44 16.23 14.94
C VAL D 30 1.42 16.90 16.31
N ARG D 31 1.25 18.23 16.34
CA ARG D 31 1.16 18.95 17.61
C ARG D 31 0.01 18.45 18.46
N ASN D 32 -1.09 18.05 17.83
CA ASN D 32 -2.30 17.63 18.55
C ASN D 32 -2.34 16.14 18.82
N LEU D 33 -1.29 15.40 18.49
CA LEU D 33 -1.19 14.00 18.86
C LEU D 33 -1.09 13.85 20.37
N PRO D 34 -1.49 12.69 20.91
CA PRO D 34 -1.32 12.47 22.35
C PRO D 34 0.13 12.29 22.76
N SER D 35 1.01 11.81 21.88
CA SER D 35 2.39 11.50 22.26
C SER D 35 3.35 12.08 21.22
N SER D 36 3.61 13.38 21.31
CA SER D 36 4.59 14.02 20.42
C SER D 36 5.36 15.10 21.17
N THR D 37 6.60 15.31 20.72
CA THR D 37 7.48 16.37 21.20
C THR D 37 7.90 17.17 19.99
N VAL D 38 7.63 18.47 19.99
CA VAL D 38 7.93 19.34 18.85
C VAL D 38 8.91 20.42 19.30
N VAL D 39 10.01 20.56 18.55
CA VAL D 39 11.03 21.55 18.87
C VAL D 39 11.38 22.35 17.61
N PRO D 40 11.99 23.52 17.78
CA PRO D 40 12.40 24.28 16.60
C PRO D 40 13.52 23.58 15.84
N GLY D 41 13.64 23.98 14.57
CA GLY D 41 14.64 23.41 13.68
C GLY D 41 16.08 23.68 14.07
N ASP D 42 16.34 24.63 14.98
CA ASP D 42 17.72 24.83 15.44
C ASP D 42 18.22 23.67 16.29
N LYS D 43 17.38 22.70 16.62
CA LYS D 43 17.80 21.47 17.28
C LYS D 43 18.28 20.42 16.28
N PHE D 44 18.38 20.78 15.00
CA PHE D 44 18.76 19.81 13.97
C PHE D 44 20.05 19.06 14.33
N ASP D 45 21.14 19.80 14.61
CA ASP D 45 22.40 19.11 14.86
C ASP D 45 22.32 18.18 16.06
N THR D 46 21.66 18.62 17.13
CA THR D 46 21.49 17.78 18.32
C THR D 46 20.76 16.49 17.99
N VAL D 47 19.66 16.61 17.22
CA VAL D 47 18.87 15.43 16.87
C VAL D 47 19.67 14.54 15.91
N TRP D 48 20.21 15.13 14.84
CA TRP D 48 20.93 14.34 13.85
C TRP D 48 22.09 13.58 14.48
N ASP D 49 22.95 14.29 15.21
CA ASP D 49 24.14 13.66 15.79
C ASP D 49 23.77 12.58 16.81
N THR D 50 22.64 12.73 17.49
CA THR D 50 22.19 11.70 18.44
C THR D 50 21.76 10.43 17.71
N VAL D 51 20.96 10.56 16.65
CA VAL D 51 20.46 9.39 15.93
C VAL D 51 21.61 8.63 15.27
N CYS D 52 22.69 9.34 14.93
CA CYS D 52 23.86 8.72 14.32
C CYS D 52 24.48 7.65 15.22
N GLU D 53 24.14 7.63 16.50
CA GLU D 53 24.70 6.67 17.43
C GLU D 53 23.79 5.48 17.70
N TRP D 54 22.59 5.44 17.11
CA TRP D 54 21.55 4.50 17.52
C TRP D 54 21.61 3.15 16.81
N GLY D 55 22.47 3.00 15.80
CA GLY D 55 22.47 1.77 15.03
C GLY D 55 21.58 1.87 13.79
N ASN D 56 21.01 0.76 13.35
CA ASN D 56 20.28 0.75 12.08
C ASN D 56 18.92 1.42 12.26
N VAL D 57 18.70 2.50 11.52
CA VAL D 57 17.41 3.17 11.45
C VAL D 57 16.97 3.19 9.98
N THR D 58 15.72 3.60 9.76
CA THR D 58 15.21 3.76 8.40
C THR D 58 14.95 5.23 8.10
N THR D 59 15.68 5.76 7.12
CA THR D 59 15.50 7.13 6.66
C THR D 59 14.65 7.13 5.40
N LEU D 60 13.63 7.97 5.37
CA LEU D 60 12.61 7.94 4.33
C LEU D 60 12.44 9.32 3.71
N VAL D 61 12.38 9.38 2.39
CA VAL D 61 11.97 10.58 1.68
C VAL D 61 10.79 10.23 0.79
N HIS D 62 9.79 11.12 0.74
CA HIS D 62 8.53 10.87 0.06
C HIS D 62 8.29 12.01 -0.92
N THR D 63 8.13 11.68 -2.20
CA THR D 63 7.70 12.62 -3.22
C THR D 63 6.36 12.17 -3.78
N ALA D 64 5.87 12.92 -4.76
CA ALA D 64 4.58 12.59 -5.36
C ALA D 64 4.59 11.20 -5.95
N ASP D 65 5.73 10.75 -6.45
CA ASP D 65 5.78 9.52 -7.22
C ASP D 65 6.74 8.47 -6.69
N VAL D 66 7.53 8.77 -5.66
CA VAL D 66 8.56 7.86 -5.18
C VAL D 66 8.62 7.95 -3.66
N ILE D 67 8.78 6.80 -3.01
CA ILE D 67 9.26 6.73 -1.64
C ILE D 67 10.53 5.90 -1.67
N LEU D 68 11.62 6.48 -1.20
CA LEU D 68 12.85 5.72 -1.04
C LEU D 68 13.15 5.65 0.44
N GLU D 69 13.57 4.48 0.88
CA GLU D 69 13.87 4.29 2.29
C GLU D 69 15.19 3.58 2.40
N PHE D 70 16.00 4.01 3.35
CA PHE D 70 17.32 3.46 3.55
CA PHE D 70 17.32 3.47 3.54
C PHE D 70 17.45 2.95 4.97
N SER D 71 17.71 1.67 5.11
CA SER D 71 17.90 1.04 6.41
C SER D 71 19.41 0.89 6.65
N GLY D 72 19.88 1.48 7.74
CA GLY D 72 21.29 1.45 8.07
C GLY D 72 21.62 2.57 9.02
N GLU D 73 22.90 2.67 9.36
CA GLU D 73 23.32 3.72 10.27
C GLU D 73 23.18 5.08 9.60
N LEU D 74 22.72 6.07 10.36
CA LEU D 74 22.56 7.41 9.81
C LEU D 74 23.94 8.01 9.58
N PRO D 75 24.24 8.49 8.38
CA PRO D 75 25.56 9.11 8.14
C PRO D 75 25.70 10.42 8.88
N SER D 76 26.91 10.69 9.37
CA SER D 76 27.22 12.00 9.88
C SER D 76 27.26 13.01 8.73
N GLY D 77 27.28 14.29 9.09
CA GLY D 77 27.35 15.31 8.07
C GLY D 77 28.03 16.56 8.56
N PHE D 78 28.19 17.51 7.64
CA PHE D 78 28.82 18.79 7.92
C PHE D 78 28.10 19.88 7.16
N HIS D 79 28.03 21.07 7.75
CA HIS D 79 27.38 22.22 7.14
C HIS D 79 28.37 22.98 6.27
N ARG D 80 27.92 23.35 5.07
CA ARG D 80 28.74 24.17 4.17
C ARG D 80 27.81 24.92 3.24
N HIS D 81 27.87 26.26 3.28
CA HIS D 81 27.14 27.14 2.36
C HIS D 81 25.66 26.79 2.29
N GLY D 82 25.05 26.61 3.45
CA GLY D 82 23.62 26.38 3.55
C GLY D 82 23.18 24.94 3.47
N TYR D 83 24.05 24.05 2.99
CA TYR D 83 23.71 22.63 2.93
C TYR D 83 24.26 21.89 4.14
N PHE D 84 23.53 20.86 4.56
CA PHE D 84 24.08 19.85 5.44
C PHE D 84 24.46 18.64 4.59
N ASN D 85 25.75 18.36 4.50
CA ASN D 85 26.28 17.42 3.52
C ASN D 85 26.64 16.13 4.22
N LEU D 86 26.00 15.04 3.79
CA LEU D 86 26.21 13.75 4.42
C LEU D 86 27.52 13.13 3.96
N ARG D 87 28.21 12.46 4.89
CA ARG D 87 29.39 11.67 4.55
C ARG D 87 28.96 10.23 4.30
N GLY D 88 29.30 9.70 3.13
CA GLY D 88 28.86 8.37 2.73
C GLY D 88 29.25 7.24 3.67
N LYS D 89 28.26 6.59 4.26
CA LYS D 89 28.48 5.43 5.11
C LYS D 89 28.32 4.15 4.31
N HIS D 90 27.32 3.34 4.66
CA HIS D 90 27.08 2.07 3.96
C HIS D 90 26.17 2.29 2.75
N GLY D 91 26.42 3.38 2.02
CA GLY D 91 25.72 3.60 0.76
C GLY D 91 24.85 4.83 0.66
N MET D 92 24.28 5.30 1.75
CA MET D 92 23.42 6.48 1.70
C MET D 92 24.25 7.73 1.91
N SER D 93 24.07 8.72 1.04
CA SER D 93 24.63 10.03 1.21
C SER D 93 23.65 11.06 0.65
N GLY D 94 24.13 12.28 0.48
CA GLY D 94 23.35 13.36 -0.11
C GLY D 94 23.47 14.64 0.67
N HIS D 95 22.48 15.54 0.55
CA HIS D 95 22.51 16.76 1.33
C HIS D 95 21.10 17.21 1.65
N ILE D 96 21.00 18.01 2.70
CA ILE D 96 19.73 18.49 3.25
C ILE D 96 19.83 19.99 3.40
N LYS D 97 18.81 20.72 2.96
CA LYS D 97 18.74 22.17 3.23
C LYS D 97 18.26 22.33 4.67
N ALA D 98 19.18 22.10 5.61
CA ALA D 98 18.80 22.03 7.02
C ALA D 98 18.30 23.37 7.56
N GLU D 99 18.75 24.49 6.98
CA GLU D 99 18.19 25.75 7.46
C GLU D 99 16.76 25.98 7.02
N ASN D 100 16.25 25.17 6.09
CA ASN D 100 14.83 25.17 5.76
C ASN D 100 14.03 24.29 6.69
N CYS D 101 14.69 23.59 7.61
CA CYS D 101 13.98 22.81 8.63
C CYS D 101 13.61 23.76 9.77
N THR D 102 12.31 24.04 9.90
CA THR D 102 11.86 24.95 10.94
C THR D 102 11.33 24.26 12.19
N HIS D 103 10.97 22.97 12.10
CA HIS D 103 10.48 22.21 13.24
C HIS D 103 10.92 20.76 13.10
N ILE D 104 11.11 20.09 14.24
CA ILE D 104 11.38 18.66 14.32
C ILE D 104 10.43 18.07 15.36
N ALA D 105 9.87 16.91 15.06
CA ALA D 105 9.01 16.24 16.04
C ALA D 105 9.47 14.81 16.28
N LEU D 106 9.38 14.37 17.53
CA LEU D 106 9.51 12.97 17.87
C LEU D 106 8.12 12.46 18.18
N ILE D 107 7.73 11.36 17.53
CA ILE D 107 6.37 10.84 17.59
C ILE D 107 6.38 9.37 17.97
N GLU D 108 5.46 8.98 18.86
CA GLU D 108 5.16 7.58 19.13
C GLU D 108 3.68 7.37 18.92
N ARG D 109 3.32 6.37 18.12
CA ARG D 109 1.90 6.07 17.92
C ARG D 109 1.77 4.66 17.37
N LYS D 110 0.53 4.17 17.36
CA LYS D 110 0.22 2.95 16.66
C LYS D 110 -0.13 3.25 15.20
N PHE D 111 0.45 2.48 14.28
CA PHE D 111 0.11 2.56 12.87
C PHE D 111 -0.37 1.17 12.46
N MET D 112 -1.68 1.05 12.22
CA MET D 112 -2.28 -0.25 11.89
C MET D 112 -1.88 -1.31 12.90
N GLY D 113 -1.92 -0.95 14.19
CA GLY D 113 -1.65 -1.87 15.27
C GLY D 113 -0.18 -2.06 15.60
N MET D 114 0.72 -1.43 14.83
CA MET D 114 2.15 -1.54 15.04
C MET D 114 2.63 -0.36 15.86
N ASP D 115 3.35 -0.63 16.96
CA ASP D 115 4.06 0.44 17.65
C ASP D 115 5.08 1.05 16.69
N THR D 116 5.12 2.39 16.64
CA THR D 116 6.03 3.11 15.78
CA THR D 116 6.07 3.11 15.79
C THR D 116 6.67 4.26 16.56
N ALA D 117 7.91 4.59 16.20
CA ALA D 117 8.60 5.71 16.81
C ALA D 117 9.35 6.41 15.69
N SER D 118 9.08 7.70 15.50
CA SER D 118 9.61 8.39 14.33
C SER D 118 10.07 9.79 14.67
N ILE D 119 10.95 10.30 13.81
CA ILE D 119 11.41 11.69 13.85
C ILE D 119 11.02 12.33 12.52
N LEU D 120 10.26 13.42 12.58
CA LEU D 120 9.82 14.13 11.39
C LEU D 120 10.50 15.48 11.34
N PHE D 121 11.08 15.80 10.18
CA PHE D 121 11.69 17.10 9.94
C PHE D 121 10.74 17.90 9.06
N PHE D 122 10.37 19.10 9.51
CA PHE D 122 9.37 19.91 8.82
C PHE D 122 9.99 21.12 8.12
N ASN D 123 9.43 21.45 6.96
CA ASN D 123 9.77 22.70 6.29
C ASN D 123 8.84 23.81 6.77
N LYS D 124 9.02 25.02 6.22
CA LYS D 124 8.26 26.16 6.69
C LYS D 124 6.78 26.09 6.34
N GLU D 125 6.38 25.25 5.38
CA GLU D 125 4.97 25.07 5.08
C GLU D 125 4.29 24.09 6.04
N GLY D 126 5.04 23.51 6.99
CA GLY D 126 4.45 22.54 7.89
C GLY D 126 4.32 21.14 7.34
N SER D 127 4.96 20.82 6.22
CA SER D 127 4.99 19.47 5.70
C SER D 127 6.36 18.85 5.97
N ALA D 128 6.44 17.54 5.74
CA ALA D 128 7.64 16.78 6.08
C ALA D 128 8.65 16.88 4.95
N MET D 129 9.91 17.18 5.30
CA MET D 129 11.02 17.11 4.36
CA MET D 129 10.99 17.08 4.33
C MET D 129 11.76 15.78 4.45
N LEU D 130 11.68 15.09 5.59
CA LEU D 130 12.45 13.87 5.81
C LEU D 130 11.83 13.19 7.02
N LYS D 131 11.91 11.85 7.04
CA LYS D 131 11.46 11.07 8.18
C LYS D 131 12.51 10.04 8.54
N ILE D 132 12.70 9.81 9.83
CA ILE D 132 13.52 8.70 10.32
C ILE D 132 12.65 7.84 11.22
N PHE D 133 12.66 6.53 10.96
CA PHE D 133 11.91 5.57 11.76
C PHE D 133 12.85 4.63 12.49
N LEU D 134 12.47 4.22 13.70
CA LEU D 134 13.33 3.29 14.43
C LEU D 134 13.33 1.93 13.77
N GLY D 135 14.43 1.19 13.97
CA GLY D 135 14.59 -0.12 13.37
C GLY D 135 13.80 -1.21 14.07
N ARG D 136 13.73 -2.36 13.41
CA ARG D 136 12.92 -3.48 13.89
C ARG D 136 13.74 -4.75 13.86
N ASP D 137 13.22 -5.78 14.54
CA ASP D 137 13.83 -7.10 14.52
C ASP D 137 13.08 -7.99 13.53
N ASP D 138 13.42 -9.27 13.51
CA ASP D 138 12.85 -10.18 12.53
C ASP D 138 11.37 -10.46 12.76
N HIS D 139 10.88 -10.33 13.99
CA HIS D 139 9.46 -10.47 14.27
C HIS D 139 8.72 -9.14 14.15
N ARG D 140 9.35 -8.15 13.52
CA ARG D 140 8.77 -6.86 13.17
C ARG D 140 8.47 -5.99 14.39
N GLN D 141 9.14 -6.25 15.50
CA GLN D 141 9.02 -5.45 16.70
C GLN D 141 10.15 -4.43 16.75
N LEU D 142 9.85 -3.29 17.35
CA LEU D 142 10.89 -2.28 17.56
C LEU D 142 12.03 -2.85 18.39
N LEU D 143 13.23 -2.29 18.17
CA LEU D 143 14.40 -2.62 18.99
C LEU D 143 14.31 -1.79 20.26
N SER D 144 14.14 -2.45 21.41
CA SER D 144 13.88 -1.71 22.65
CA SER D 144 13.87 -1.70 22.63
C SER D 144 15.06 -0.85 23.06
N GLU D 145 16.28 -1.27 22.69
CA GLU D 145 17.45 -0.43 22.98
C GLU D 145 17.35 0.92 22.26
N GLN D 146 16.84 0.93 21.02
CA GLN D 146 16.65 2.18 20.30
CA GLN D 146 16.65 2.18 20.30
C GLN D 146 15.49 2.97 20.89
N VAL D 147 14.40 2.28 21.27
CA VAL D 147 13.29 2.97 21.89
C VAL D 147 13.74 3.69 23.16
N SER D 148 14.57 3.04 23.97
CA SER D 148 15.06 3.70 25.17
C SER D 148 15.88 4.95 24.84
N ALA D 149 16.75 4.85 23.84
CA ALA D 149 17.56 5.99 23.42
C ALA D 149 16.69 7.11 22.86
N PHE D 150 15.65 6.75 22.10
CA PHE D 150 14.68 7.71 21.60
C PHE D 150 13.99 8.45 22.75
N HIS D 151 13.57 7.71 23.79
CA HIS D 151 12.96 8.36 24.95
C HIS D 151 13.94 9.28 25.68
N THR D 152 15.21 8.90 25.75
CA THR D 152 16.21 9.77 26.37
C THR D 152 16.35 11.08 25.58
N LEU D 153 16.35 10.99 24.26
CA LEU D 153 16.44 12.21 23.44
C LEU D 153 15.20 13.08 23.62
N ALA D 154 14.01 12.47 23.63
CA ALA D 154 12.81 13.27 23.80
C ALA D 154 12.82 14.00 25.14
N ALA D 155 13.27 13.31 26.20
CA ALA D 155 13.36 13.95 27.51
C ALA D 155 14.34 15.11 27.50
N SER D 156 15.47 14.95 26.80
CA SER D 156 16.46 16.01 26.77
CA SER D 156 16.48 16.00 26.75
C SER D 156 15.98 17.22 25.98
N LEU D 157 15.21 16.99 24.91
CA LEU D 157 14.68 18.10 24.12
C LEU D 157 13.70 18.93 24.94
N LYS D 158 13.05 18.32 25.94
CA LYS D 158 12.31 19.07 26.95
C LYS D 158 13.27 19.48 28.06
N GLU D 159 14.12 20.45 27.74
CA GLU D 159 15.10 20.98 28.70
C GLU D 159 14.76 22.40 29.09
#